data_3P37
#
_entry.id   3P37
#
_cell.length_a   58.969
_cell.length_b   88.658
_cell.length_c   67.590
_cell.angle_alpha   90.00
_cell.angle_beta   113.48
_cell.angle_gamma   90.00
#
_symmetry.space_group_name_H-M   'P 1 21 1'
#
loop_
_entity.id
_entity.type
_entity.pdbx_description
1 polymer 'Serine/threonine-protein kinase PLK1'
2 polymer phosphopeptide
3 non-polymer GLYCEROL
4 water water
#
loop_
_entity_poly.entity_id
_entity_poly.type
_entity_poly.pdbx_seq_one_letter_code
_entity_poly.pdbx_strand_id
1 'polypeptide(L)'
;GPLGSPEFDCHLSDMLQQLHSVNASKPSERGLVRQEEAEDPACIPIFWVSKWVDYSDKYGLGYQLCDNSVGVLFNDSTRL
ILYNDGDSLQYIERDGTESYLTVSSHPNSLMKKITLLKYFRNYMSEHLLKAGANITPREGDELARLPYLRTWFRTRSAII
LHLSNGSVQINFFQDHTKLILCPLMAAVTYIDEKRDFRTYRLSLLEEYGCCKELASRLRYARTMVDKLLSSR
;
A,B,C
2 'polypeptide(L)' (ACE)FDPPLHS(TPO)A(NH2) E,D,F
#
loop_
_chem_comp.id
_chem_comp.type
_chem_comp.name
_chem_comp.formula
ACE non-polymer 'ACETYL GROUP' 'C2 H4 O'
GOL non-polymer GLYCEROL 'C3 H8 O3'
NH2 non-polymer 'AMINO GROUP' 'H2 N'
#
# COMPACT_ATOMS: atom_id res chain seq x y z
N ASP A 9 3.12 -29.12 21.36
CA ASP A 9 4.06 -28.01 21.01
C ASP A 9 5.48 -28.53 20.66
N CYS A 10 5.52 -29.54 19.78
CA CYS A 10 6.77 -30.09 19.22
C CYS A 10 7.51 -29.12 18.27
N HIS A 11 6.75 -28.36 17.48
CA HIS A 11 7.32 -27.41 16.53
C HIS A 11 7.85 -26.15 17.22
N LEU A 12 7.19 -25.78 18.33
CA LEU A 12 7.57 -24.60 19.11
C LEU A 12 8.92 -24.77 19.81
N SER A 13 9.21 -25.99 20.25
CA SER A 13 10.51 -26.33 20.86
C SER A 13 11.64 -26.16 19.85
N ASP A 14 11.40 -26.63 18.62
CA ASP A 14 12.36 -26.47 17.54
C ASP A 14 12.60 -25.00 17.20
N MET A 15 11.52 -24.22 17.17
N MET A 15 11.53 -24.21 17.17
CA MET A 15 11.57 -22.78 16.86
CA MET A 15 11.67 -22.79 16.84
C MET A 15 12.31 -22.01 17.95
C MET A 15 12.36 -22.01 17.95
N LEU A 16 12.13 -22.43 19.20
CA LEU A 16 12.79 -21.81 20.35
C LEU A 16 14.30 -22.04 20.30
N GLN A 17 14.69 -23.31 20.14
CA GLN A 17 16.09 -23.68 19.95
C GLN A 17 16.73 -22.92 18.79
N GLN A 18 16.00 -22.82 17.67
CA GLN A 18 16.47 -22.11 16.49
C GLN A 18 16.68 -20.62 16.78
N LEU A 19 15.71 -20.01 17.46
CA LEU A 19 15.78 -18.59 17.81
C LEU A 19 16.81 -18.31 18.89
N HIS A 20 16.88 -19.20 19.89
CA HIS A 20 17.89 -19.09 20.94
C HIS A 20 19.28 -19.08 20.33
N SER A 21 19.48 -19.97 19.35
CA SER A 21 20.77 -20.15 18.69
C SER A 21 21.21 -18.92 17.89
N VAL A 22 20.29 -18.33 17.12
CA VAL A 22 20.65 -17.19 16.27
C VAL A 22 20.94 -15.94 17.11
N ASN A 23 20.12 -15.71 18.13
CA ASN A 23 20.30 -14.59 19.04
C ASN A 23 21.60 -14.67 19.83
N ALA A 24 21.98 -15.89 20.23
CA ALA A 24 23.23 -16.12 20.96
C ALA A 24 24.45 -15.73 20.13
N SER A 25 24.37 -15.92 18.81
CA SER A 25 25.46 -15.59 17.90
C SER A 25 25.65 -14.07 17.69
N LYS A 26 24.69 -13.28 18.16
CA LYS A 26 24.73 -11.80 18.07
C LYS A 26 24.95 -11.32 16.63
N PRO A 27 23.97 -11.57 15.74
CA PRO A 27 24.13 -11.36 14.29
C PRO A 27 24.40 -9.91 13.89
N SER A 28 23.92 -8.94 14.67
CA SER A 28 24.13 -7.53 14.37
C SER A 28 25.33 -6.92 15.08
N GLU A 29 25.84 -7.65 16.09
CA GLU A 29 26.99 -7.22 16.87
C GLU A 29 28.30 -7.72 16.22
N ARG A 30 28.44 -7.45 14.92
CA ARG A 30 29.64 -7.81 14.15
C ARG A 30 30.09 -6.68 13.22
N GLY A 31 31.36 -6.73 12.81
CA GLY A 31 31.92 -5.78 11.87
C GLY A 31 31.43 -6.04 10.45
N LEU A 32 31.62 -7.29 9.99
CA LEU A 32 31.17 -7.70 8.67
C LEU A 32 29.77 -8.33 8.73
N VAL A 33 28.82 -7.63 8.13
CA VAL A 33 27.43 -8.09 8.06
C VAL A 33 27.01 -8.23 6.60
N ARG A 34 26.57 -9.43 6.23
CA ARG A 34 26.13 -9.72 4.86
C ARG A 34 24.86 -10.56 4.87
N GLN A 35 23.72 -9.97 5.24
CA GLN A 35 22.48 -10.71 5.40
C GLN A 35 21.87 -11.22 4.09
N GLU A 36 22.24 -10.58 2.97
CA GLU A 36 21.82 -11.01 1.64
C GLU A 36 22.32 -12.42 1.31
N GLU A 37 23.49 -12.75 1.83
CA GLU A 37 24.11 -14.06 1.62
C GLU A 37 23.36 -15.17 2.38
N ALA A 38 22.36 -14.78 3.17
CA ALA A 38 21.57 -15.71 3.95
C ALA A 38 20.14 -15.87 3.39
N GLU A 39 19.86 -15.17 2.29
CA GLU A 39 18.53 -15.18 1.69
C GLU A 39 18.25 -16.50 1.02
N ASP A 40 17.05 -17.02 1.25
CA ASP A 40 16.63 -18.27 0.65
C ASP A 40 15.15 -18.20 0.31
N PRO A 41 14.80 -17.48 -0.79
CA PRO A 41 13.41 -17.39 -1.23
C PRO A 41 12.79 -18.72 -1.64
N ALA A 42 13.59 -19.79 -1.65
CA ALA A 42 13.03 -21.14 -1.79
C ALA A 42 12.28 -21.57 -0.52
N CYS A 43 12.35 -20.75 0.53
CA CYS A 43 11.74 -21.07 1.81
C CYS A 43 10.53 -20.20 2.19
N ILE A 44 9.96 -19.44 1.24
CA ILE A 44 8.75 -18.64 1.53
C ILE A 44 7.67 -19.56 2.12
N PRO A 45 6.96 -19.09 3.16
CA PRO A 45 5.85 -19.88 3.67
C PRO A 45 4.78 -20.20 2.63
N ILE A 46 4.09 -21.32 2.82
CA ILE A 46 2.90 -21.65 2.06
C ILE A 46 1.76 -20.77 2.58
N PHE A 47 1.73 -20.57 3.89
CA PHE A 47 0.62 -19.87 4.53
C PHE A 47 1.10 -18.82 5.51
N TRP A 48 0.42 -17.68 5.52
CA TRP A 48 0.56 -16.70 6.59
C TRP A 48 -0.79 -15.99 6.80
N VAL A 49 -0.92 -15.29 7.91
CA VAL A 49 -2.14 -14.52 8.21
C VAL A 49 -2.09 -13.15 7.52
N SER A 50 -2.99 -12.92 6.58
CA SER A 50 -2.98 -11.66 5.83
C SER A 50 -3.89 -10.59 6.43
N LYS A 51 -4.88 -11.01 7.22
CA LYS A 51 -5.79 -10.09 7.93
C LYS A 51 -6.21 -10.69 9.26
N TRP A 52 -6.37 -9.87 10.30
CA TRP A 52 -6.96 -10.35 11.57
C TRP A 52 -7.89 -9.33 12.22
N VAL A 53 -8.81 -9.83 13.04
CA VAL A 53 -9.81 -9.02 13.72
C VAL A 53 -9.98 -9.54 15.15
N ASP A 54 -9.58 -8.72 16.14
CA ASP A 54 -9.72 -9.12 17.53
C ASP A 54 -11.01 -8.61 18.14
N TYR A 55 -11.99 -9.50 18.24
CA TYR A 55 -13.29 -9.17 18.81
C TYR A 55 -13.54 -10.09 20.00
N SER A 56 -12.49 -10.45 20.71
CA SER A 56 -12.56 -11.51 21.74
C SER A 56 -13.33 -11.11 23.00
N ASP A 57 -13.65 -9.83 23.13
CA ASP A 57 -14.49 -9.36 24.23
C ASP A 57 -15.93 -9.82 24.08
N LYS A 58 -16.31 -10.14 22.84
CA LYS A 58 -17.67 -10.60 22.53
C LYS A 58 -17.74 -11.96 21.83
N TYR A 59 -17.01 -12.13 20.74
CA TYR A 59 -17.17 -13.28 19.85
C TYR A 59 -15.94 -14.18 19.71
N GLY A 60 -14.80 -13.57 19.39
CA GLY A 60 -13.55 -14.31 19.21
C GLY A 60 -12.63 -13.61 18.23
N LEU A 61 -11.66 -14.35 17.68
CA LEU A 61 -10.75 -13.77 16.72
C LEU A 61 -10.99 -14.33 15.33
N GLY A 62 -11.19 -13.42 14.37
CA GLY A 62 -11.33 -13.79 12.97
C GLY A 62 -10.07 -13.44 12.23
N TYR A 63 -9.76 -14.21 11.18
CA TYR A 63 -8.55 -13.97 10.40
C TYR A 63 -8.71 -14.39 8.94
N GLN A 64 -7.82 -13.90 8.10
CA GLN A 64 -7.69 -14.38 6.73
C GLN A 64 -6.28 -14.93 6.55
N LEU A 65 -6.19 -16.04 5.83
CA LEU A 65 -4.89 -16.55 5.41
C LEU A 65 -4.58 -16.07 3.98
N CYS A 66 -3.33 -16.15 3.57
CA CYS A 66 -2.92 -15.59 2.28
C CYS A 66 -3.63 -16.19 1.06
N ASP A 67 -4.24 -17.36 1.25
CA ASP A 67 -4.91 -18.07 0.15
C ASP A 67 -6.39 -17.68 -0.01
N ASN A 68 -6.85 -16.76 0.84
CA ASN A 68 -8.23 -16.23 0.84
C ASN A 68 -9.27 -17.05 1.62
N SER A 69 -8.79 -18.10 2.30
CA SER A 69 -9.63 -18.80 3.26
C SER A 69 -9.80 -17.94 4.51
N VAL A 70 -10.88 -18.14 5.25
CA VAL A 70 -11.05 -17.44 6.54
C VAL A 70 -11.32 -18.39 7.69
N GLY A 71 -10.98 -17.96 8.89
CA GLY A 71 -11.25 -18.72 10.09
C GLY A 71 -11.67 -17.82 11.21
N VAL A 72 -12.36 -18.39 12.18
CA VAL A 72 -12.59 -17.72 13.45
C VAL A 72 -12.44 -18.67 14.63
N LEU A 73 -11.53 -18.29 15.54
CA LEU A 73 -11.39 -18.94 16.84
C LEU A 73 -12.36 -18.28 17.81
N PHE A 74 -13.53 -18.90 18.00
CA PHE A 74 -14.56 -18.36 18.89
C PHE A 74 -14.11 -18.45 20.36
N ASN A 75 -14.78 -17.69 21.22
CA ASN A 75 -14.43 -17.63 22.64
C ASN A 75 -14.59 -18.96 23.37
N ASP A 76 -15.43 -19.84 22.83
CA ASP A 76 -15.65 -21.17 23.38
C ASP A 76 -14.61 -22.19 22.88
N SER A 77 -13.54 -21.69 22.27
CA SER A 77 -12.46 -22.51 21.68
C SER A 77 -12.94 -23.47 20.58
N THR A 78 -14.10 -23.20 19.98
CA THR A 78 -14.45 -23.88 18.74
C THR A 78 -13.91 -23.08 17.58
N ARG A 79 -13.71 -23.73 16.45
CA ARG A 79 -13.20 -23.07 15.25
C ARG A 79 -14.07 -23.30 14.01
N LEU A 80 -14.33 -22.23 13.27
CA LEU A 80 -14.98 -22.36 11.99
C LEU A 80 -14.04 -21.89 10.89
N ILE A 81 -13.96 -22.66 9.81
CA ILE A 81 -13.06 -22.35 8.72
C ILE A 81 -13.79 -22.36 7.38
N LEU A 82 -13.69 -21.24 6.66
CA LEU A 82 -14.21 -21.15 5.30
C LEU A 82 -13.05 -21.25 4.31
N TYR A 83 -13.07 -22.29 3.49
CA TYR A 83 -12.06 -22.47 2.44
C TYR A 83 -12.23 -21.43 1.35
N ASN A 84 -11.19 -21.24 0.53
CA ASN A 84 -11.15 -20.12 -0.41
C ASN A 84 -12.17 -20.17 -1.56
N ASP A 85 -12.96 -21.24 -1.62
CA ASP A 85 -14.06 -21.32 -2.56
C ASP A 85 -15.30 -20.60 -2.01
N GLY A 86 -15.14 -20.00 -0.83
CA GLY A 86 -16.20 -19.25 -0.15
C GLY A 86 -17.46 -20.04 0.18
N ASP A 87 -17.36 -21.37 0.20
CA ASP A 87 -18.51 -22.24 0.43
C ASP A 87 -18.21 -23.43 1.35
N SER A 88 -17.06 -24.07 1.16
CA SER A 88 -16.68 -25.26 1.93
C SER A 88 -16.29 -24.90 3.36
N LEU A 89 -16.82 -25.67 4.30
CA LEU A 89 -16.65 -25.40 5.73
C LEU A 89 -15.99 -26.53 6.50
N GLN A 90 -15.15 -26.16 7.45
CA GLN A 90 -14.57 -27.08 8.41
C GLN A 90 -14.85 -26.54 9.81
N TYR A 91 -15.53 -27.35 10.60
CA TYR A 91 -15.85 -27.00 11.98
C TYR A 91 -15.03 -27.90 12.93
N ILE A 92 -14.32 -27.26 13.85
CA ILE A 92 -13.48 -27.95 14.81
C ILE A 92 -13.96 -27.59 16.22
N GLU A 93 -14.39 -28.61 16.95
CA GLU A 93 -14.83 -28.44 18.32
C GLU A 93 -13.64 -28.46 19.28
N ARG A 94 -13.88 -28.11 20.54
CA ARG A 94 -12.82 -28.03 21.56
C ARG A 94 -11.99 -29.32 21.66
N ASP A 95 -12.68 -30.46 21.75
CA ASP A 95 -12.02 -31.77 21.87
C ASP A 95 -11.34 -32.23 20.58
N GLY A 96 -11.49 -31.47 19.50
CA GLY A 96 -10.86 -31.79 18.22
C GLY A 96 -11.81 -32.36 17.17
N THR A 97 -13.02 -32.70 17.59
CA THR A 97 -14.03 -33.24 16.67
C THR A 97 -14.24 -32.30 15.49
N GLU A 98 -13.99 -32.82 14.29
CA GLU A 98 -14.17 -32.00 13.10
C GLU A 98 -15.33 -32.44 12.20
N SER A 99 -15.93 -31.46 11.54
CA SER A 99 -17.04 -31.65 10.64
C SER A 99 -16.80 -30.91 9.33
N TYR A 100 -17.07 -31.57 8.22
CA TYR A 100 -16.97 -30.95 6.90
C TYR A 100 -18.36 -30.79 6.29
N LEU A 101 -18.70 -29.56 5.97
CA LEU A 101 -20.00 -29.21 5.38
C LEU A 101 -19.90 -27.95 4.51
N THR A 102 -21.03 -27.30 4.24
CA THR A 102 -21.03 -26.08 3.45
C THR A 102 -21.92 -25.03 4.07
N VAL A 103 -21.63 -23.77 3.78
CA VAL A 103 -22.49 -22.65 4.17
C VAL A 103 -23.92 -22.88 3.68
N SER A 104 -24.05 -23.30 2.43
CA SER A 104 -25.34 -23.48 1.77
C SER A 104 -26.14 -24.70 2.23
N SER A 105 -25.47 -25.65 2.89
CA SER A 105 -26.14 -26.87 3.39
C SER A 105 -27.18 -26.53 4.46
N HIS A 106 -26.97 -25.37 5.11
CA HIS A 106 -27.87 -24.83 6.15
C HIS A 106 -28.05 -25.74 7.37
N PRO A 107 -26.96 -25.99 8.13
CA PRO A 107 -27.08 -26.75 9.38
C PRO A 107 -27.45 -25.84 10.55
N ASN A 108 -28.62 -26.07 11.14
CA ASN A 108 -29.19 -25.18 12.15
C ASN A 108 -28.34 -25.00 13.40
N SER A 109 -27.65 -26.07 13.79
CA SER A 109 -26.77 -26.05 14.96
C SER A 109 -25.65 -25.01 14.83
N LEU A 110 -25.29 -24.66 13.59
CA LEU A 110 -24.13 -23.80 13.33
C LEU A 110 -24.42 -22.42 12.74
N MET A 111 -25.70 -22.10 12.52
CA MET A 111 -26.09 -20.83 11.89
C MET A 111 -25.68 -19.58 12.67
N LYS A 112 -25.74 -19.65 14.00
CA LYS A 112 -25.21 -18.59 14.87
C LYS A 112 -23.73 -18.31 14.55
N LYS A 113 -22.94 -19.37 14.44
CA LYS A 113 -21.51 -19.23 14.20
C LYS A 113 -21.16 -18.92 12.75
N ILE A 114 -21.96 -19.44 11.81
CA ILE A 114 -21.74 -19.14 10.39
C ILE A 114 -22.03 -17.65 10.10
N THR A 115 -23.15 -17.16 10.61
CA THR A 115 -23.49 -15.73 10.48
C THR A 115 -22.34 -14.85 10.98
N LEU A 116 -21.80 -15.17 12.15
CA LEU A 116 -20.64 -14.45 12.69
C LEU A 116 -19.43 -14.48 11.75
N LEU A 117 -19.15 -15.65 11.16
CA LEU A 117 -18.00 -15.79 10.25
C LEU A 117 -18.14 -14.84 9.05
N LYS A 118 -19.38 -14.71 8.56
CA LYS A 118 -19.66 -13.80 7.45
C LYS A 118 -19.44 -12.33 7.84
N TYR A 119 -19.84 -11.94 9.04
CA TYR A 119 -19.54 -10.59 9.55
C TYR A 119 -18.04 -10.33 9.61
N PHE A 120 -17.27 -11.27 10.13
CA PHE A 120 -15.80 -11.16 10.16
C PHE A 120 -15.26 -11.02 8.75
N ARG A 121 -15.61 -11.97 7.89
CA ARG A 121 -15.21 -11.96 6.49
C ARG A 121 -15.55 -10.64 5.74
N ASN A 122 -16.75 -10.10 5.99
CA ASN A 122 -17.18 -8.85 5.37
C ASN A 122 -16.38 -7.65 5.86
N TYR A 123 -16.11 -7.62 7.17
CA TYR A 123 -15.37 -6.54 7.80
C TYR A 123 -13.95 -6.49 7.26
N MET A 124 -13.34 -7.66 7.07
CA MET A 124 -11.98 -7.75 6.54
C MET A 124 -11.93 -7.32 5.08
N SER A 125 -12.94 -7.74 4.32
CA SER A 125 -13.03 -7.48 2.89
C SER A 125 -13.11 -5.99 2.56
N GLU A 126 -14.02 -5.28 3.23
CA GLU A 126 -14.28 -3.88 2.89
C GLU A 126 -13.42 -2.88 3.68
N HIS A 127 -12.78 -3.34 4.75
CA HIS A 127 -12.03 -2.45 5.63
C HIS A 127 -10.51 -2.63 5.66
N LEU A 128 -10.05 -3.87 5.56
CA LEU A 128 -8.67 -4.18 5.91
C LEU A 128 -7.76 -4.52 4.72
N LEU A 129 -6.48 -4.18 4.86
CA LEU A 129 -5.48 -4.48 3.84
C LEU A 129 -4.97 -5.93 3.95
N LYS A 130 -4.66 -6.52 2.80
CA LYS A 130 -4.20 -7.89 2.72
C LYS A 130 -2.68 -7.94 2.79
N ALA A 131 -2.14 -8.51 3.87
CA ALA A 131 -0.68 -8.55 4.06
C ALA A 131 0.01 -9.55 3.15
N GLY A 132 1.12 -9.11 2.57
CA GLY A 132 1.90 -9.95 1.66
C GLY A 132 1.18 -10.27 0.36
N ALA A 133 0.30 -9.37 -0.08
CA ALA A 133 -0.40 -9.51 -1.36
C ALA A 133 0.60 -9.53 -2.51
N ASN A 134 1.74 -8.87 -2.29
CA ASN A 134 2.84 -8.84 -3.25
C ASN A 134 3.72 -10.09 -3.21
N ILE A 135 3.44 -11.00 -2.28
CA ILE A 135 4.19 -12.26 -2.19
C ILE A 135 3.42 -13.41 -2.84
N THR A 136 4.12 -14.18 -3.66
CA THR A 136 3.61 -15.45 -4.13
C THR A 136 4.03 -16.50 -3.10
N PRO A 137 3.05 -17.26 -2.56
CA PRO A 137 3.36 -18.32 -1.61
C PRO A 137 4.01 -19.54 -2.29
N ARG A 138 4.72 -20.36 -1.50
CA ARG A 138 5.26 -21.62 -1.98
C ARG A 138 4.10 -22.58 -2.28
N GLU A 139 4.29 -23.45 -3.26
CA GLU A 139 3.20 -24.29 -3.78
C GLU A 139 2.46 -25.10 -2.71
N GLY A 140 3.18 -26.03 -2.08
CA GLY A 140 2.58 -26.90 -1.07
C GLY A 140 2.09 -28.23 -1.59
N ASP A 141 1.16 -28.82 -0.84
CA ASP A 141 0.61 -30.14 -1.15
C ASP A 141 -0.91 -30.07 -1.28
N GLU A 142 -1.45 -30.70 -2.32
CA GLU A 142 -2.89 -30.74 -2.54
C GLU A 142 -3.60 -31.61 -1.50
N LEU A 143 -2.84 -32.50 -0.86
CA LEU A 143 -3.36 -33.41 0.17
C LEU A 143 -3.29 -32.82 1.58
N ALA A 144 -2.30 -31.96 1.84
CA ALA A 144 -2.11 -31.35 3.16
C ALA A 144 -3.32 -30.58 3.64
N ARG A 145 -3.52 -30.56 4.96
CA ARG A 145 -4.61 -29.84 5.57
C ARG A 145 -4.38 -28.34 5.53
N LEU A 146 -5.48 -27.59 5.44
CA LEU A 146 -5.47 -26.15 5.67
C LEU A 146 -5.08 -25.92 7.12
N PRO A 147 -4.03 -25.11 7.37
CA PRO A 147 -3.72 -24.74 8.74
C PRO A 147 -4.76 -23.84 9.34
N TYR A 148 -4.88 -23.90 10.66
CA TYR A 148 -5.76 -23.00 11.40
C TYR A 148 -4.98 -22.31 12.51
N LEU A 149 -5.60 -21.31 13.12
CA LEU A 149 -5.02 -20.61 14.25
C LEU A 149 -5.11 -21.46 15.52
N ARG A 150 -3.95 -21.96 15.97
CA ARG A 150 -3.86 -22.75 17.21
C ARG A 150 -4.13 -21.89 18.42
N THR A 151 -3.34 -20.83 18.57
CA THR A 151 -3.51 -19.89 19.67
C THR A 151 -2.98 -18.52 19.28
N TRP A 152 -3.31 -17.51 20.08
CA TRP A 152 -2.85 -16.14 19.84
C TRP A 152 -2.88 -15.31 21.12
N PHE A 153 -2.09 -14.23 21.12
CA PHE A 153 -2.17 -13.21 22.16
C PHE A 153 -1.59 -11.90 21.66
N ARG A 154 -2.03 -10.80 22.28
CA ARG A 154 -1.48 -9.48 22.00
C ARG A 154 -0.64 -8.96 23.16
N THR A 155 0.48 -8.33 22.83
CA THR A 155 1.21 -7.50 23.79
C THR A 155 0.88 -6.04 23.45
N ARG A 156 1.53 -5.10 24.15
CA ARG A 156 1.37 -3.68 23.86
C ARG A 156 2.05 -3.29 22.55
N SER A 157 2.93 -4.16 22.04
CA SER A 157 3.71 -3.87 20.84
C SER A 157 3.31 -4.71 19.62
N ALA A 158 2.79 -5.92 19.84
CA ALA A 158 2.56 -6.86 18.74
C ALA A 158 1.44 -7.86 18.99
N ILE A 159 0.92 -8.43 17.89
CA ILE A 159 0.08 -9.61 17.96
C ILE A 159 0.90 -10.84 17.58
N ILE A 160 0.65 -11.95 18.28
CA ILE A 160 1.38 -13.18 18.03
C ILE A 160 0.40 -14.26 17.58
N LEU A 161 0.62 -14.82 16.40
CA LEU A 161 -0.32 -15.78 15.81
C LEU A 161 0.38 -17.12 15.52
N HIS A 162 -0.07 -18.15 16.22
CA HIS A 162 0.52 -19.47 16.14
C HIS A 162 -0.42 -20.39 15.37
N LEU A 163 0.05 -20.90 14.24
CA LEU A 163 -0.76 -21.78 13.37
C LEU A 163 -0.51 -23.26 13.64
N SER A 164 -1.42 -24.12 13.19
CA SER A 164 -1.33 -25.55 13.46
C SER A 164 -0.25 -26.27 12.65
N ASN A 165 0.22 -25.61 11.58
CA ASN A 165 1.34 -26.15 10.79
C ASN A 165 2.69 -25.82 11.42
N GLY A 166 2.67 -25.22 12.61
CA GLY A 166 3.89 -24.90 13.35
C GLY A 166 4.44 -23.49 13.12
N SER A 167 3.93 -22.78 12.10
CA SER A 167 4.39 -21.43 11.84
C SER A 167 3.96 -20.47 12.94
N VAL A 168 4.84 -19.53 13.30
CA VAL A 168 4.48 -18.45 14.19
C VAL A 168 4.67 -17.11 13.49
N GLN A 169 3.65 -16.27 13.58
CA GLN A 169 3.65 -14.95 12.93
C GLN A 169 3.53 -13.87 14.00
N ILE A 170 4.38 -12.85 13.86
CA ILE A 170 4.36 -11.69 14.75
C ILE A 170 4.23 -10.42 13.92
N ASN A 171 3.20 -9.62 14.22
CA ASN A 171 2.96 -8.34 13.56
C ASN A 171 3.19 -7.21 14.54
N PHE A 172 4.02 -6.24 14.17
CA PHE A 172 4.34 -5.14 15.08
C PHE A 172 3.46 -3.92 14.81
N PHE A 173 2.83 -3.41 15.86
CA PHE A 173 1.82 -2.35 15.74
C PHE A 173 2.40 -1.00 15.30
N GLN A 174 3.59 -0.67 15.81
CA GLN A 174 4.17 0.68 15.68
C GLN A 174 4.57 1.04 14.25
N ASP A 175 5.14 0.08 13.51
CA ASP A 175 5.72 0.37 12.20
C ASP A 175 5.30 -0.61 11.10
N HIS A 176 4.32 -1.46 11.42
CA HIS A 176 3.73 -2.42 10.45
C HIS A 176 4.65 -3.54 9.97
N THR A 177 5.82 -3.69 10.59
CA THR A 177 6.72 -4.78 10.22
C THR A 177 6.22 -6.12 10.75
N LYS A 178 6.51 -7.19 10.02
CA LYS A 178 5.98 -8.51 10.33
C LYS A 178 7.05 -9.60 10.26
N LEU A 179 6.90 -10.62 11.08
CA LEU A 179 7.78 -11.79 11.02
C LEU A 179 6.95 -13.05 10.82
N ILE A 180 7.43 -13.91 9.93
CA ILE A 180 6.88 -15.25 9.76
C ILE A 180 7.97 -16.29 9.96
N LEU A 181 7.81 -17.07 11.01
CA LEU A 181 8.81 -18.07 11.38
C LEU A 181 8.26 -19.46 11.07
N CYS A 182 9.03 -20.24 10.33
CA CYS A 182 8.69 -21.63 10.08
C CYS A 182 9.77 -22.53 10.67
N PRO A 183 9.40 -23.37 11.66
CA PRO A 183 10.38 -24.26 12.29
C PRO A 183 10.78 -25.43 11.39
N LEU A 184 9.93 -25.77 10.42
CA LEU A 184 10.21 -26.89 9.52
C LEU A 184 11.36 -26.57 8.56
N MET A 185 11.48 -25.30 8.21
CA MET A 185 12.53 -24.83 7.32
C MET A 185 13.65 -24.18 8.13
N ALA A 186 13.40 -23.99 9.43
CA ALA A 186 14.23 -23.14 10.30
C ALA A 186 14.51 -21.82 9.57
N ALA A 187 13.42 -21.14 9.20
CA ALA A 187 13.50 -19.97 8.36
C ALA A 187 12.62 -18.85 8.89
N VAL A 188 12.96 -17.62 8.51
CA VAL A 188 12.19 -16.44 8.88
C VAL A 188 11.97 -15.56 7.65
N THR A 189 10.72 -15.12 7.46
CA THR A 189 10.38 -14.17 6.42
C THR A 189 10.12 -12.86 7.12
N TYR A 190 10.76 -11.80 6.61
CA TYR A 190 10.64 -10.48 7.20
C TYR A 190 9.99 -9.50 6.23
N ILE A 191 8.88 -8.91 6.65
CA ILE A 191 8.24 -7.84 5.89
C ILE A 191 8.51 -6.50 6.59
N ASP A 192 9.38 -5.68 5.99
CA ASP A 192 9.74 -4.37 6.54
C ASP A 192 8.65 -3.31 6.33
N GLU A 193 8.92 -2.10 6.79
CA GLU A 193 7.97 -0.97 6.75
C GLU A 193 7.63 -0.48 5.33
N LYS A 194 8.47 -0.84 4.36
CA LYS A 194 8.24 -0.52 2.96
C LYS A 194 7.53 -1.66 2.21
N ARG A 195 7.05 -2.64 2.98
CA ARG A 195 6.36 -3.84 2.46
C ARG A 195 7.25 -4.80 1.67
N ASP A 196 8.57 -4.66 1.83
CA ASP A 196 9.52 -5.62 1.25
C ASP A 196 9.63 -6.88 2.10
N PHE A 197 9.79 -8.00 1.41
CA PHE A 197 9.86 -9.28 2.08
C PHE A 197 11.12 -10.04 1.70
N ARG A 198 11.79 -10.58 2.71
CA ARG A 198 12.94 -11.46 2.46
C ARG A 198 12.88 -12.66 3.39
N THR A 199 13.18 -13.83 2.84
CA THR A 199 13.21 -15.07 3.61
C THR A 199 14.66 -15.44 3.90
N TYR A 200 14.95 -15.70 5.18
CA TYR A 200 16.31 -16.04 5.59
C TYR A 200 16.33 -17.41 6.24
N ARG A 201 17.38 -18.17 5.97
CA ARG A 201 17.72 -19.38 6.72
C ARG A 201 18.39 -18.92 8.01
N LEU A 202 17.82 -19.30 9.15
CA LEU A 202 18.31 -18.87 10.47
C LEU A 202 19.76 -19.25 10.78
N SER A 203 20.18 -20.44 10.35
CA SER A 203 21.55 -20.89 10.54
C SER A 203 22.55 -20.03 9.75
N LEU A 204 22.11 -19.50 8.63
CA LEU A 204 22.95 -18.65 7.80
C LEU A 204 23.09 -17.23 8.37
N LEU A 205 22.07 -16.80 9.12
CA LEU A 205 22.12 -15.52 9.82
C LEU A 205 23.15 -15.53 10.96
N GLU A 206 23.36 -16.70 11.58
CA GLU A 206 24.38 -16.88 12.62
C GLU A 206 25.78 -16.72 12.07
N GLU A 207 25.94 -17.04 10.79
CA GLU A 207 27.26 -17.00 10.15
C GLU A 207 27.53 -15.67 9.44
N TYR A 208 26.51 -15.14 8.77
CA TYR A 208 26.65 -13.93 7.96
C TYR A 208 26.20 -12.65 8.66
N GLY A 209 25.38 -12.78 9.69
CA GLY A 209 24.88 -11.64 10.45
C GLY A 209 23.77 -10.93 9.70
N CYS A 210 23.09 -10.02 10.40
CA CYS A 210 22.01 -9.24 9.81
C CYS A 210 22.02 -7.82 10.38
N CYS A 211 21.21 -6.94 9.82
CA CYS A 211 21.07 -5.58 10.33
C CYS A 211 20.52 -5.53 11.75
N LYS A 212 20.73 -4.40 12.42
CA LYS A 212 20.26 -4.17 13.79
C LYS A 212 18.76 -4.39 13.99
N GLU A 213 17.95 -3.97 13.01
CA GLU A 213 16.49 -4.01 13.14
C GLU A 213 15.89 -5.41 13.07
N LEU A 214 16.46 -6.26 12.23
CA LEU A 214 16.04 -7.66 12.17
C LEU A 214 16.44 -8.40 13.45
N ALA A 215 17.67 -8.18 13.90
CA ALA A 215 18.19 -8.83 15.09
C ALA A 215 17.34 -8.57 16.34
N SER A 216 16.93 -7.32 16.53
CA SER A 216 16.08 -6.94 17.66
C SER A 216 14.69 -7.54 17.56
N ARG A 217 14.23 -7.81 16.35
CA ARG A 217 12.92 -8.45 16.16
C ARG A 217 13.04 -9.96 16.37
N LEU A 218 14.22 -10.52 16.07
CA LEU A 218 14.51 -11.91 16.40
C LEU A 218 14.67 -12.13 17.92
N ARG A 219 15.24 -11.14 18.60
CA ARG A 219 15.27 -11.11 20.07
C ARG A 219 13.84 -11.11 20.65
N TYR A 220 12.97 -10.27 20.10
CA TYR A 220 11.58 -10.18 20.56
C TYR A 220 10.78 -11.44 20.24
N ALA A 221 11.02 -12.01 19.05
CA ALA A 221 10.38 -13.24 18.62
C ALA A 221 10.59 -14.36 19.64
N ARG A 222 11.81 -14.44 20.16
CA ARG A 222 12.20 -15.47 21.12
C ARG A 222 11.40 -15.37 22.42
N THR A 223 11.27 -14.14 22.94
CA THR A 223 10.45 -13.87 24.13
C THR A 223 9.03 -14.38 23.95
N MET A 224 8.47 -14.13 22.76
CA MET A 224 7.11 -14.50 22.43
C MET A 224 6.91 -16.01 22.33
N VAL A 225 7.91 -16.70 21.76
CA VAL A 225 7.89 -18.16 21.67
C VAL A 225 8.01 -18.78 23.07
N ASP A 226 8.84 -18.18 23.92
CA ASP A 226 8.86 -18.52 25.34
C ASP A 226 7.48 -18.41 25.96
N LYS A 227 6.77 -17.32 25.68
CA LYS A 227 5.39 -17.13 26.15
C LYS A 227 4.42 -18.22 25.66
N LEU A 228 4.59 -18.62 24.42
CA LEU A 228 3.75 -19.65 23.82
C LEU A 228 3.93 -21.01 24.48
N LEU A 229 5.19 -21.44 24.60
CA LEU A 229 5.50 -22.71 25.28
C LEU A 229 5.10 -22.65 26.74
N SER A 230 5.21 -21.47 27.32
CA SER A 230 5.04 -21.32 28.76
C SER A 230 3.58 -21.17 29.14
N SER A 231 2.70 -21.08 28.15
CA SER A 231 1.25 -20.96 28.43
C SER A 231 0.58 -22.33 28.52
N ARG A 232 1.29 -23.37 28.07
CA ARG A 232 0.76 -24.73 28.13
C ARG A 232 0.67 -25.19 29.58
N HIS B 11 -5.74 -13.49 -13.60
CA HIS B 11 -5.94 -13.25 -12.14
C HIS B 11 -5.23 -11.99 -11.66
N LEU B 12 -5.79 -11.37 -10.62
CA LEU B 12 -5.23 -10.17 -10.01
C LEU B 12 -3.79 -10.34 -9.54
N SER B 13 -3.52 -11.46 -8.85
CA SER B 13 -2.20 -11.79 -8.33
C SER B 13 -1.13 -11.69 -9.41
N ASP B 14 -1.38 -12.33 -10.55
CA ASP B 14 -0.47 -12.31 -11.69
C ASP B 14 -0.19 -10.88 -12.18
N MET B 15 -1.26 -10.11 -12.38
CA MET B 15 -1.16 -8.74 -12.85
CA MET B 15 -1.17 -8.72 -12.85
C MET B 15 -0.39 -7.83 -11.88
N LEU B 16 -0.72 -7.90 -10.60
CA LEU B 16 -0.01 -7.15 -9.56
C LEU B 16 1.49 -7.43 -9.59
N GLN B 17 1.86 -8.70 -9.78
CA GLN B 17 3.26 -9.10 -9.87
C GLN B 17 3.89 -8.65 -11.19
N GLN B 18 3.09 -8.67 -12.26
CA GLN B 18 3.52 -8.15 -13.56
C GLN B 18 3.82 -6.65 -13.47
N LEU B 19 2.89 -5.90 -12.87
CA LEU B 19 3.06 -4.45 -12.65
C LEU B 19 4.21 -4.10 -11.71
N HIS B 20 4.26 -4.77 -10.55
CA HIS B 20 5.32 -4.55 -9.58
C HIS B 20 6.68 -4.70 -10.24
N SER B 21 6.83 -5.75 -11.03
CA SER B 21 8.06 -6.02 -11.78
C SER B 21 8.46 -4.87 -12.69
N VAL B 22 7.49 -4.34 -13.45
CA VAL B 22 7.78 -3.28 -14.41
C VAL B 22 8.02 -1.92 -13.72
N ASN B 23 7.30 -1.67 -12.63
CA ASN B 23 7.47 -0.44 -11.86
C ASN B 23 8.79 -0.38 -11.09
N ALA B 24 9.23 -1.53 -10.58
CA ALA B 24 10.48 -1.63 -9.81
C ALA B 24 11.71 -1.36 -10.68
N SER B 25 11.56 -1.61 -11.98
CA SER B 25 12.63 -1.38 -12.96
C SER B 25 12.80 0.12 -13.27
N LYS B 26 11.82 0.92 -12.87
CA LYS B 26 11.80 2.38 -13.11
C LYS B 26 12.08 2.75 -14.57
N PRO B 27 11.09 2.54 -15.46
CA PRO B 27 11.28 2.65 -16.91
C PRO B 27 11.36 4.10 -17.41
N SER B 28 10.93 5.05 -16.58
CA SER B 28 10.98 6.46 -16.95
C SER B 28 12.36 7.06 -16.65
N GLU B 29 12.94 6.66 -15.53
CA GLU B 29 14.27 7.09 -15.13
C GLU B 29 15.33 6.23 -15.83
N ARG B 30 15.41 6.37 -17.15
CA ARG B 30 16.37 5.61 -17.97
C ARG B 30 17.23 6.53 -18.83
N GLY B 31 18.41 6.03 -19.19
CA GLY B 31 19.31 6.74 -20.10
C GLY B 31 18.78 6.78 -21.52
N LEU B 32 17.99 5.78 -21.89
CA LEU B 32 17.39 5.69 -23.22
C LEU B 32 16.02 5.00 -23.20
N VAL B 33 15.01 5.71 -23.68
CA VAL B 33 13.65 5.18 -23.77
C VAL B 33 13.32 4.80 -25.21
N ARG B 34 12.97 3.53 -25.42
CA ARG B 34 12.65 3.02 -26.75
C ARG B 34 11.28 2.34 -26.72
N GLN B 35 10.28 3.12 -26.32
CA GLN B 35 8.90 2.66 -26.11
C GLN B 35 8.31 1.83 -27.25
N GLU B 36 8.70 2.17 -28.48
CA GLU B 36 8.18 1.51 -29.69
C GLU B 36 8.60 0.06 -29.84
N GLU B 37 9.76 -0.28 -29.28
CA GLU B 37 10.29 -1.66 -29.34
C GLU B 37 9.46 -2.60 -28.46
N ALA B 38 8.66 -2.03 -27.57
CA ALA B 38 7.81 -2.79 -26.66
C ALA B 38 6.39 -3.00 -27.19
N GLU B 39 6.14 -2.53 -28.41
CA GLU B 39 4.81 -2.64 -29.02
C GLU B 39 4.51 -4.04 -29.55
N ASP B 40 3.31 -4.52 -29.24
CA ASP B 40 2.83 -5.82 -29.71
C ASP B 40 1.32 -5.73 -29.93
N PRO B 41 0.90 -5.49 -31.18
CA PRO B 41 -0.51 -5.27 -31.53
C PRO B 41 -1.36 -6.53 -31.40
N ALA B 42 -0.74 -7.70 -31.51
CA ALA B 42 -1.42 -8.99 -31.38
C ALA B 42 -1.97 -9.26 -29.96
N CYS B 43 -1.58 -8.40 -29.02
CA CYS B 43 -2.05 -8.54 -27.65
C CYS B 43 -3.24 -7.63 -27.35
N ILE B 44 -3.73 -6.93 -28.37
CA ILE B 44 -4.93 -6.10 -28.23
C ILE B 44 -6.08 -6.95 -27.65
N PRO B 45 -6.79 -6.41 -26.66
CA PRO B 45 -7.87 -7.15 -25.99
C PRO B 45 -9.06 -7.43 -26.91
N ILE B 46 -9.84 -8.46 -26.58
CA ILE B 46 -11.10 -8.75 -27.27
C ILE B 46 -12.17 -7.82 -26.70
N PHE B 47 -12.02 -7.49 -25.43
CA PHE B 47 -13.04 -6.76 -24.71
C PHE B 47 -12.46 -5.62 -23.92
N TRP B 48 -13.18 -4.50 -23.95
CA TRP B 48 -12.97 -3.42 -23.01
C TRP B 48 -14.31 -2.72 -22.80
N VAL B 49 -14.39 -1.95 -21.72
CA VAL B 49 -15.57 -1.14 -21.45
C VAL B 49 -15.53 0.13 -22.29
N SER B 50 -16.56 0.33 -23.11
CA SER B 50 -16.62 1.50 -23.98
C SER B 50 -17.54 2.63 -23.48
N LYS B 51 -18.38 2.33 -22.49
CA LYS B 51 -19.31 3.30 -21.90
C LYS B 51 -19.65 2.88 -20.50
N TRP B 52 -19.86 3.85 -19.61
CA TRP B 52 -20.34 3.56 -18.26
C TRP B 52 -21.27 4.64 -17.73
N VAL B 53 -22.16 4.24 -16.83
CA VAL B 53 -23.12 5.12 -16.19
C VAL B 53 -23.15 4.77 -14.70
N ASP B 54 -22.62 5.66 -13.88
CA ASP B 54 -22.52 5.44 -12.43
C ASP B 54 -23.75 5.98 -11.73
N TYR B 55 -24.70 5.09 -11.43
CA TYR B 55 -25.95 5.45 -10.75
C TYR B 55 -26.04 4.77 -9.38
N SER B 56 -24.88 4.45 -8.80
CA SER B 56 -24.79 3.65 -7.56
C SER B 56 -25.50 4.23 -6.33
N ASP B 57 -25.97 5.47 -6.44
CA ASP B 57 -26.74 6.11 -5.37
C ASP B 57 -28.22 5.71 -5.39
N LYS B 58 -28.60 4.97 -6.44
CA LYS B 58 -29.97 4.47 -6.57
C LYS B 58 -30.06 3.01 -7.04
N TYR B 59 -29.41 2.70 -8.16
CA TYR B 59 -29.58 1.39 -8.79
C TYR B 59 -28.29 0.58 -8.88
N GLY B 60 -27.26 1.18 -9.48
CA GLY B 60 -25.98 0.52 -9.68
C GLY B 60 -25.24 1.10 -10.86
N LEU B 61 -24.20 0.41 -11.32
CA LEU B 61 -23.43 0.87 -12.45
C LEU B 61 -23.80 0.14 -13.73
N GLY B 62 -24.20 0.92 -14.75
CA GLY B 62 -24.45 0.40 -16.09
C GLY B 62 -23.24 0.65 -16.99
N TYR B 63 -23.00 -0.27 -17.92
CA TYR B 63 -21.84 -0.18 -18.79
C TYR B 63 -22.12 -0.85 -20.14
N GLN B 64 -21.25 -0.57 -21.11
CA GLN B 64 -21.28 -1.20 -22.42
C GLN B 64 -19.88 -1.71 -22.75
N LEU B 65 -19.82 -2.91 -23.31
CA LEU B 65 -18.57 -3.47 -23.84
C LEU B 65 -18.43 -3.16 -25.32
N CYS B 66 -17.21 -3.23 -25.82
CA CYS B 66 -16.88 -2.83 -27.19
C CYS B 66 -17.58 -3.66 -28.26
N ASP B 67 -18.32 -4.69 -27.84
CA ASP B 67 -19.07 -5.55 -28.76
C ASP B 67 -20.55 -5.14 -28.82
N ASN B 68 -20.88 -4.05 -28.14
CA ASN B 68 -22.24 -3.52 -28.03
C ASN B 68 -23.15 -4.25 -27.04
N SER B 69 -22.59 -5.22 -26.31
CA SER B 69 -23.32 -5.82 -25.19
C SER B 69 -23.37 -4.82 -24.05
N VAL B 70 -24.47 -4.82 -23.32
CA VAL B 70 -24.61 -3.95 -22.15
C VAL B 70 -24.87 -4.76 -20.89
N GLY B 71 -24.44 -4.23 -19.75
CA GLY B 71 -24.63 -4.90 -18.48
C GLY B 71 -24.84 -3.89 -17.38
N VAL B 72 -25.33 -4.34 -16.24
CA VAL B 72 -25.45 -3.49 -15.07
C VAL B 72 -25.15 -4.26 -13.76
N LEU B 73 -24.16 -3.75 -13.02
CA LEU B 73 -23.85 -4.28 -11.70
C LEU B 73 -24.72 -3.55 -10.68
N PHE B 74 -25.70 -4.25 -10.16
CA PHE B 74 -26.67 -3.66 -9.25
C PHE B 74 -26.13 -3.46 -7.83
N ASN B 75 -26.78 -2.56 -7.08
CA ASN B 75 -26.41 -2.26 -5.70
C ASN B 75 -26.50 -3.48 -4.76
N ASP B 76 -27.22 -4.51 -5.19
CA ASP B 76 -27.29 -5.77 -4.45
C ASP B 76 -26.19 -6.75 -4.85
N SER B 77 -25.26 -6.29 -5.69
CA SER B 77 -24.11 -7.06 -6.17
C SER B 77 -24.44 -8.12 -7.24
N THR B 78 -25.70 -8.17 -7.67
CA THR B 78 -26.09 -9.03 -8.79
C THR B 78 -25.83 -8.32 -10.11
N ARG B 79 -25.69 -9.10 -11.18
CA ARG B 79 -25.33 -8.56 -12.49
C ARG B 79 -26.23 -9.14 -13.58
N LEU B 80 -26.75 -8.25 -14.43
CA LEU B 80 -27.54 -8.64 -15.57
C LEU B 80 -26.91 -8.06 -16.84
N ILE B 81 -26.75 -8.91 -17.86
CA ILE B 81 -26.10 -8.54 -19.11
C ILE B 81 -27.05 -8.76 -20.27
N LEU B 82 -27.16 -7.76 -21.14
CA LEU B 82 -27.84 -7.94 -22.40
C LEU B 82 -26.81 -8.05 -23.52
N TYR B 83 -26.83 -9.19 -24.21
CA TYR B 83 -25.96 -9.44 -25.35
C TYR B 83 -26.26 -8.51 -26.52
N ASN B 84 -25.37 -8.48 -27.51
CA ASN B 84 -25.53 -7.60 -28.67
C ASN B 84 -26.54 -8.10 -29.72
N ASP B 85 -27.35 -9.09 -29.36
CA ASP B 85 -28.49 -9.48 -30.17
C ASP B 85 -29.76 -8.83 -29.67
N GLY B 86 -29.62 -8.09 -28.56
CA GLY B 86 -30.74 -7.37 -27.93
C GLY B 86 -31.82 -8.27 -27.36
N ASP B 87 -31.47 -9.53 -27.10
CA ASP B 87 -32.42 -10.51 -26.59
C ASP B 87 -31.81 -11.45 -25.53
N SER B 88 -30.63 -11.99 -25.81
CA SER B 88 -29.96 -12.93 -24.90
C SER B 88 -29.56 -12.28 -23.59
N LEU B 89 -29.77 -13.00 -22.49
CA LEU B 89 -29.48 -12.50 -21.16
C LEU B 89 -28.61 -13.46 -20.36
N GLN B 90 -27.65 -12.89 -19.64
CA GLN B 90 -26.85 -13.62 -18.67
C GLN B 90 -27.08 -12.98 -17.30
N TYR B 91 -27.59 -13.77 -16.35
CA TYR B 91 -27.83 -13.27 -15.00
C TYR B 91 -26.89 -13.89 -13.97
N ILE B 92 -26.19 -13.05 -13.22
CA ILE B 92 -25.22 -13.48 -12.21
C ILE B 92 -25.62 -12.95 -10.84
N GLU B 93 -25.86 -13.86 -9.90
CA GLU B 93 -26.21 -13.50 -8.53
C GLU B 93 -24.96 -13.24 -7.69
N ARG B 94 -25.17 -12.89 -6.42
CA ARG B 94 -24.09 -12.69 -5.46
C ARG B 94 -23.24 -13.94 -5.29
N ASP B 95 -23.92 -15.11 -5.31
CA ASP B 95 -23.29 -16.42 -5.26
C ASP B 95 -22.16 -16.55 -6.27
N GLY B 96 -22.34 -15.93 -7.44
CA GLY B 96 -21.47 -16.10 -8.59
C GLY B 96 -22.14 -16.98 -9.61
N THR B 97 -23.22 -17.65 -9.19
CA THR B 97 -23.99 -18.56 -10.03
C THR B 97 -24.63 -17.83 -11.21
N GLU B 98 -24.36 -18.33 -12.42
CA GLU B 98 -24.87 -17.72 -13.64
C GLU B 98 -25.92 -18.58 -14.33
N SER B 99 -26.77 -17.93 -15.13
CA SER B 99 -27.77 -18.61 -15.95
C SER B 99 -28.14 -17.77 -17.16
N TYR B 100 -28.58 -18.43 -18.23
CA TYR B 100 -29.00 -17.74 -19.44
C TYR B 100 -30.51 -17.69 -19.56
N LEU B 101 -31.00 -16.59 -20.14
CA LEU B 101 -32.43 -16.39 -20.42
C LEU B 101 -32.60 -15.47 -21.64
N THR B 102 -33.83 -15.09 -21.93
CA THR B 102 -34.11 -14.12 -22.99
C THR B 102 -35.06 -13.03 -22.50
N VAL B 103 -35.04 -11.88 -23.19
CA VAL B 103 -35.94 -10.77 -22.87
C VAL B 103 -37.38 -11.15 -23.20
N SER B 104 -37.59 -11.60 -24.44
CA SER B 104 -38.91 -11.94 -24.97
C SER B 104 -39.64 -13.01 -24.16
N SER B 105 -38.87 -13.84 -23.46
CA SER B 105 -39.41 -14.86 -22.56
C SER B 105 -40.22 -14.24 -21.42
N HIS B 106 -39.86 -13.00 -21.06
CA HIS B 106 -40.49 -12.25 -19.96
C HIS B 106 -40.49 -13.00 -18.61
N PRO B 107 -39.30 -13.13 -17.98
CA PRO B 107 -39.25 -13.78 -16.68
C PRO B 107 -39.68 -12.81 -15.57
N ASN B 108 -40.63 -13.26 -14.74
CA ASN B 108 -41.26 -12.41 -13.72
C ASN B 108 -40.30 -11.81 -12.69
N SER B 109 -39.36 -12.64 -12.22
CA SER B 109 -38.41 -12.22 -11.18
C SER B 109 -37.44 -11.12 -11.64
N LEU B 110 -37.08 -11.14 -12.92
CA LEU B 110 -36.12 -10.20 -13.48
C LEU B 110 -36.78 -9.02 -14.21
N MET B 111 -38.09 -8.92 -14.10
CA MET B 111 -38.89 -7.89 -14.76
C MET B 111 -38.31 -6.48 -14.51
N LYS B 112 -38.14 -6.13 -13.25
CA LYS B 112 -37.66 -4.81 -12.84
C LYS B 112 -36.21 -4.56 -13.26
N LYS B 113 -35.38 -5.59 -13.17
CA LYS B 113 -33.97 -5.47 -13.50
C LYS B 113 -33.71 -5.35 -15.00
N ILE B 114 -34.57 -5.97 -15.81
CA ILE B 114 -34.52 -5.81 -17.26
C ILE B 114 -34.96 -4.40 -17.64
N THR B 115 -36.05 -3.95 -17.02
CA THR B 115 -36.55 -2.59 -17.19
C THR B 115 -35.44 -1.56 -16.92
N LEU B 116 -34.75 -1.72 -15.80
CA LEU B 116 -33.65 -0.85 -15.42
C LEU B 116 -32.51 -0.91 -16.42
N LEU B 117 -32.14 -2.12 -16.83
CA LEU B 117 -31.10 -2.32 -17.84
C LEU B 117 -31.42 -1.58 -19.15
N LYS B 118 -32.68 -1.58 -19.54
CA LYS B 118 -33.14 -0.91 -20.76
C LYS B 118 -32.95 0.61 -20.66
N TYR B 119 -33.18 1.16 -19.47
CA TYR B 119 -32.96 2.59 -19.22
C TYR B 119 -31.48 2.93 -19.38
N PHE B 120 -30.61 2.07 -18.84
CA PHE B 120 -29.16 2.22 -18.98
C PHE B 120 -28.73 2.11 -20.43
N ARG B 121 -29.34 1.17 -21.15
CA ARG B 121 -29.03 0.95 -22.56
C ARG B 121 -29.44 2.15 -23.42
N ASN B 122 -30.67 2.62 -23.23
CA ASN B 122 -31.17 3.81 -23.94
C ASN B 122 -30.32 5.05 -23.64
N TYR B 123 -30.00 5.25 -22.36
CA TYR B 123 -29.20 6.40 -21.94
C TYR B 123 -27.83 6.42 -22.64
N MET B 124 -27.15 5.27 -22.63
CA MET B 124 -25.81 5.17 -23.21
C MET B 124 -25.83 5.33 -24.73
N SER B 125 -26.86 4.77 -25.36
CA SER B 125 -27.03 4.80 -26.80
C SER B 125 -27.12 6.21 -27.35
N GLU B 126 -27.93 7.04 -26.72
CA GLU B 126 -28.19 8.39 -27.24
C GLU B 126 -27.28 9.50 -26.70
N HIS B 127 -26.64 9.27 -25.55
CA HIS B 127 -25.88 10.33 -24.88
C HIS B 127 -24.37 10.15 -24.91
N LEU B 128 -23.91 8.91 -24.90
CA LEU B 128 -22.49 8.64 -24.64
C LEU B 128 -21.73 8.13 -25.85
N LEU B 129 -20.47 8.54 -25.93
CA LEU B 129 -19.55 8.11 -26.98
C LEU B 129 -18.94 6.75 -26.67
N LYS B 130 -18.55 6.04 -27.72
CA LYS B 130 -17.96 4.71 -27.59
C LYS B 130 -16.44 4.81 -27.52
N ALA B 131 -15.88 4.40 -26.38
CA ALA B 131 -14.42 4.36 -26.22
C ALA B 131 -13.79 3.27 -27.09
N GLY B 132 -12.66 3.61 -27.69
CA GLY B 132 -11.94 2.68 -28.57
C GLY B 132 -12.64 2.39 -29.88
N ALA B 133 -13.57 3.26 -30.27
CA ALA B 133 -14.33 3.11 -31.52
C ALA B 133 -13.43 2.97 -32.74
N ASN B 134 -12.23 3.52 -32.64
CA ASN B 134 -11.23 3.48 -33.69
C ASN B 134 -10.34 2.23 -33.64
N ILE B 135 -10.59 1.37 -32.65
CA ILE B 135 -9.87 0.10 -32.48
C ILE B 135 -10.72 -1.05 -32.98
N THR B 136 -10.11 -1.90 -33.81
CA THR B 136 -10.71 -3.16 -34.23
C THR B 136 -10.28 -4.24 -33.23
N PRO B 137 -11.23 -4.74 -32.41
CA PRO B 137 -10.88 -5.72 -31.38
C PRO B 137 -10.44 -7.07 -31.95
N ARG B 138 -9.58 -7.77 -31.21
CA ARG B 138 -9.06 -9.08 -31.60
C ARG B 138 -10.19 -10.09 -31.82
N GLU B 139 -10.05 -10.90 -32.86
CA GLU B 139 -11.06 -11.91 -33.22
C GLU B 139 -11.12 -13.05 -32.22
N LEU B 143 -18.02 -19.37 -29.02
CA LEU B 143 -18.54 -20.24 -27.98
C LEU B 143 -18.03 -19.84 -26.59
N ALA B 144 -17.19 -18.80 -26.56
CA ALA B 144 -16.67 -18.27 -25.31
C ALA B 144 -17.76 -17.59 -24.47
N ARG B 145 -17.50 -17.52 -23.17
CA ARG B 145 -18.38 -16.85 -22.21
C ARG B 145 -18.12 -15.34 -22.26
N LEU B 146 -19.19 -14.55 -22.27
CA LEU B 146 -19.06 -13.09 -22.19
C LEU B 146 -18.57 -12.66 -20.81
N PRO B 147 -17.55 -11.79 -20.76
CA PRO B 147 -17.07 -11.26 -19.49
C PRO B 147 -18.08 -10.29 -18.88
N TYR B 148 -18.18 -10.30 -17.56
CA TYR B 148 -19.01 -9.34 -16.84
C TYR B 148 -18.15 -8.51 -15.88
N LEU B 149 -18.74 -7.48 -15.31
CA LEU B 149 -18.02 -6.60 -14.40
C LEU B 149 -17.99 -7.26 -13.02
N ARG B 150 -16.83 -7.77 -12.63
CA ARG B 150 -16.66 -8.38 -11.32
C ARG B 150 -16.91 -7.32 -10.27
N THR B 151 -16.13 -6.24 -10.31
CA THR B 151 -16.30 -5.11 -9.42
C THR B 151 -15.79 -3.81 -10.04
N TRP B 152 -16.10 -2.69 -9.39
CA TRP B 152 -15.60 -1.38 -9.80
C TRP B 152 -15.56 -0.44 -8.59
N PHE B 153 -14.72 0.59 -8.68
CA PHE B 153 -14.76 1.75 -7.77
C PHE B 153 -14.24 3.00 -8.48
N ARG B 154 -14.61 4.18 -8.00
CA ARG B 154 -13.97 5.42 -8.45
C ARG B 154 -13.12 6.08 -7.38
N THR B 155 -12.05 6.74 -7.82
CA THR B 155 -11.26 7.64 -6.97
C THR B 155 -11.55 9.08 -7.44
N ARG B 156 -10.82 10.05 -6.89
CA ARG B 156 -10.94 11.44 -7.34
C ARG B 156 -10.41 11.63 -8.76
N SER B 157 -9.59 10.68 -9.22
CA SER B 157 -8.89 10.79 -10.49
C SER B 157 -9.35 9.81 -11.58
N ALA B 158 -9.93 8.69 -11.17
CA ALA B 158 -10.21 7.60 -12.10
C ALA B 158 -11.37 6.71 -11.69
N ILE B 159 -11.90 5.98 -12.67
CA ILE B 159 -12.78 4.85 -12.43
C ILE B 159 -12.02 3.56 -12.77
N ILE B 160 -12.06 2.59 -11.86
CA ILE B 160 -11.34 1.33 -12.02
C ILE B 160 -12.37 0.24 -12.27
N LEU B 161 -12.19 -0.52 -13.34
CA LEU B 161 -13.17 -1.55 -13.72
C LEU B 161 -12.50 -2.93 -13.80
N HIS B 162 -13.02 -3.87 -13.01
CA HIS B 162 -12.47 -5.24 -13.00
C HIS B 162 -13.43 -6.19 -13.69
N LEU B 163 -12.98 -6.77 -14.81
CA LEU B 163 -13.79 -7.71 -15.60
C LEU B 163 -13.57 -9.17 -15.19
N SER B 164 -14.58 -10.01 -15.41
CA SER B 164 -14.55 -11.41 -14.92
C SER B 164 -13.55 -12.29 -15.68
N ASN B 165 -12.99 -11.77 -16.77
CA ASN B 165 -11.95 -12.47 -17.53
C ASN B 165 -10.54 -12.03 -17.13
N GLY B 166 -10.45 -11.26 -16.05
CA GLY B 166 -9.15 -10.84 -15.52
C GLY B 166 -8.70 -9.44 -15.90
N SER B 167 -9.31 -8.86 -16.94
CA SER B 167 -8.91 -7.53 -17.41
C SER B 167 -9.24 -6.45 -16.39
N VAL B 168 -8.29 -5.52 -16.21
CA VAL B 168 -8.51 -4.32 -15.39
C VAL B 168 -8.39 -3.05 -16.23
N GLN B 169 -9.46 -2.26 -16.23
CA GLN B 169 -9.52 -1.00 -16.97
C GLN B 169 -9.52 0.18 -16.02
N ILE B 170 -8.69 1.16 -16.36
CA ILE B 170 -8.67 2.41 -15.63
C ILE B 170 -8.88 3.56 -16.60
N ASN B 171 -9.95 4.31 -16.39
CA ASN B 171 -10.24 5.51 -17.17
C ASN B 171 -9.95 6.74 -16.34
N PHE B 172 -8.95 7.53 -16.75
CA PHE B 172 -8.58 8.76 -16.03
C PHE B 172 -9.45 9.95 -16.41
N PHE B 173 -10.05 10.59 -15.41
CA PHE B 173 -11.07 11.62 -15.61
C PHE B 173 -10.57 12.91 -16.25
N GLN B 174 -9.36 13.33 -15.87
CA GLN B 174 -8.89 14.69 -16.16
C GLN B 174 -8.25 14.87 -17.54
N ASP B 175 -7.57 13.84 -18.04
CA ASP B 175 -6.99 13.88 -19.39
C ASP B 175 -7.66 12.90 -20.36
N HIS B 176 -8.59 12.11 -19.83
CA HIS B 176 -9.36 11.13 -20.60
C HIS B 176 -8.54 9.98 -21.19
N THR B 177 -7.33 9.80 -20.67
CA THR B 177 -6.48 8.66 -21.03
C THR B 177 -6.97 7.41 -20.32
N LYS B 178 -6.66 6.24 -20.89
CA LYS B 178 -7.22 4.97 -20.43
C LYS B 178 -6.19 3.84 -20.50
N LEU B 179 -6.24 2.94 -19.52
CA LEU B 179 -5.41 1.74 -19.49
C LEU B 179 -6.28 0.50 -19.50
N ILE B 180 -5.94 -0.46 -20.35
CA ILE B 180 -6.54 -1.80 -20.31
C ILE B 180 -5.43 -2.82 -20.03
N LEU B 181 -5.46 -3.40 -18.84
CA LEU B 181 -4.43 -4.35 -18.44
C LEU B 181 -4.94 -5.77 -18.62
N CYS B 182 -4.12 -6.63 -19.21
CA CYS B 182 -4.50 -8.03 -19.37
C CYS B 182 -3.47 -9.01 -18.81
N PRO B 183 -3.81 -9.68 -17.70
CA PRO B 183 -2.93 -10.61 -16.99
C PRO B 183 -2.52 -11.84 -17.80
N LEU B 184 -3.40 -12.30 -18.69
CA LEU B 184 -3.16 -13.52 -19.45
C LEU B 184 -2.12 -13.31 -20.54
N MET B 185 -2.02 -12.07 -21.05
CA MET B 185 -1.03 -11.71 -22.07
C MET B 185 0.14 -10.94 -21.45
N ALA B 186 0.00 -10.58 -20.17
CA ALA B 186 0.93 -9.68 -19.48
C ALA B 186 1.14 -8.39 -20.28
N ALA B 187 0.02 -7.78 -20.66
CA ALA B 187 0.01 -6.67 -21.61
C ALA B 187 -0.84 -5.53 -21.10
N VAL B 188 -0.55 -4.33 -21.60
CA VAL B 188 -1.34 -3.14 -21.33
C VAL B 188 -1.61 -2.38 -22.63
N THR B 189 -2.88 -2.01 -22.82
CA THR B 189 -3.25 -1.10 -23.91
C THR B 189 -3.42 0.29 -23.33
N TYR B 190 -2.72 1.24 -23.94
CA TYR B 190 -2.80 2.63 -23.52
C TYR B 190 -3.46 3.47 -24.59
N ILE B 191 -4.50 4.20 -24.18
CA ILE B 191 -5.20 5.12 -25.05
C ILE B 191 -4.87 6.52 -24.55
N ASP B 192 -4.22 7.32 -25.39
CA ASP B 192 -3.76 8.66 -25.00
C ASP B 192 -4.81 9.74 -25.21
N GLU B 193 -4.42 11.00 -24.95
CA GLU B 193 -5.31 12.15 -25.14
C GLU B 193 -5.80 12.29 -26.58
N LYS B 194 -4.95 11.93 -27.55
CA LYS B 194 -5.29 12.02 -28.97
C LYS B 194 -6.11 10.82 -29.45
N ARG B 195 -6.41 9.90 -28.53
CA ARG B 195 -7.18 8.68 -28.80
C ARG B 195 -6.43 7.63 -29.60
N ASP B 196 -5.11 7.79 -29.73
CA ASP B 196 -4.29 6.77 -30.34
C ASP B 196 -4.04 5.66 -29.32
N PHE B 197 -3.95 4.42 -29.81
CA PHE B 197 -3.88 3.27 -28.94
C PHE B 197 -2.66 2.40 -29.25
N ARG B 198 -1.99 1.94 -28.20
CA ARG B 198 -0.86 1.03 -28.34
C ARG B 198 -0.92 -0.05 -27.28
N THR B 199 -0.58 -1.27 -27.67
CA THR B 199 -0.48 -2.37 -26.72
C THR B 199 0.98 -2.71 -26.45
N TYR B 200 1.36 -2.62 -25.19
CA TYR B 200 2.72 -2.94 -24.76
C TYR B 200 2.77 -4.24 -24.00
N ARG B 201 3.83 -5.00 -24.21
CA ARG B 201 4.13 -6.19 -23.41
C ARG B 201 4.90 -5.69 -22.20
N LEU B 202 4.38 -6.00 -21.01
CA LEU B 202 4.91 -5.44 -19.75
C LEU B 202 6.36 -5.80 -19.43
N SER B 203 6.81 -6.96 -19.90
CA SER B 203 8.20 -7.39 -19.71
C SER B 203 9.15 -6.70 -20.69
N LEU B 204 8.63 -6.27 -21.83
CA LEU B 204 9.42 -5.52 -22.80
C LEU B 204 9.60 -4.06 -22.35
N LEU B 205 8.62 -3.54 -21.62
CA LEU B 205 8.71 -2.22 -21.01
C LEU B 205 9.81 -2.18 -19.93
N GLU B 206 10.05 -3.32 -19.29
CA GLU B 206 11.12 -3.46 -18.30
C GLU B 206 12.49 -3.26 -18.92
N GLU B 207 12.70 -3.85 -20.10
CA GLU B 207 14.00 -3.83 -20.77
C GLU B 207 14.23 -2.57 -21.62
N TYR B 208 13.14 -2.00 -22.13
CA TYR B 208 13.23 -0.85 -23.04
C TYR B 208 12.91 0.51 -22.41
N GLY B 209 12.07 0.52 -21.39
CA GLY B 209 11.66 1.77 -20.74
C GLY B 209 10.47 2.42 -21.42
N CYS B 210 9.91 3.41 -20.75
CA CYS B 210 8.76 4.15 -21.28
C CYS B 210 8.77 5.59 -20.79
N CYS B 211 7.98 6.45 -21.43
CA CYS B 211 7.85 7.86 -21.05
C CYS B 211 7.32 7.99 -19.62
N LYS B 212 7.61 9.14 -18.99
CA LYS B 212 7.13 9.43 -17.64
C LYS B 212 5.60 9.33 -17.53
N GLU B 213 4.91 9.70 -18.60
CA GLU B 213 3.45 9.70 -18.67
C GLU B 213 2.86 8.31 -18.40
N LEU B 214 3.32 7.30 -19.13
CA LEU B 214 2.85 5.93 -18.96
C LEU B 214 3.36 5.31 -17.66
N ALA B 215 4.58 5.68 -17.26
CA ALA B 215 5.19 5.16 -16.04
C ALA B 215 4.37 5.48 -14.80
N SER B 216 3.83 6.70 -14.73
CA SER B 216 3.03 7.16 -13.59
C SER B 216 1.64 6.55 -13.58
N ARG B 217 1.08 6.32 -14.78
CA ARG B 217 -0.18 5.59 -14.91
C ARG B 217 -0.01 4.16 -14.43
N LEU B 218 1.08 3.52 -14.84
CA LEU B 218 1.41 2.14 -14.45
C LEU B 218 1.75 2.01 -12.96
N ARG B 219 2.36 3.06 -12.42
CA ARG B 219 2.61 3.19 -10.99
C ARG B 219 1.30 3.34 -10.23
N TYR B 220 0.35 4.05 -10.85
CA TYR B 220 -0.98 4.23 -10.30
C TYR B 220 -1.78 2.94 -10.40
N ALA B 221 -1.58 2.21 -11.50
CA ALA B 221 -2.29 0.96 -11.78
C ALA B 221 -1.96 -0.12 -10.75
N ARG B 222 -0.72 -0.15 -10.29
CA ARG B 222 -0.30 -1.08 -9.24
C ARG B 222 -1.06 -0.82 -7.93
N THR B 223 -1.25 0.46 -7.59
CA THR B 223 -1.97 0.85 -6.38
C THR B 223 -3.44 0.44 -6.44
N MET B 224 -4.02 0.52 -7.64
CA MET B 224 -5.41 0.18 -7.88
C MET B 224 -5.65 -1.32 -7.86
N VAL B 225 -4.71 -2.08 -8.41
CA VAL B 225 -4.75 -3.54 -8.36
C VAL B 225 -4.59 -4.03 -6.91
N ASP B 226 -3.76 -3.34 -6.13
CA ASP B 226 -3.66 -3.60 -4.69
C ASP B 226 -5.00 -3.44 -3.99
N LYS B 227 -5.70 -2.35 -4.31
CA LYS B 227 -7.03 -2.08 -3.74
C LYS B 227 -8.01 -3.20 -4.08
N LEU B 228 -8.01 -3.63 -5.35
CA LEU B 228 -8.86 -4.74 -5.83
C LEU B 228 -8.56 -6.05 -5.10
N LEU B 229 -7.26 -6.35 -4.95
CA LEU B 229 -6.79 -7.53 -4.23
C LEU B 229 -7.27 -7.55 -2.76
N SER B 230 -7.21 -6.39 -2.11
CA SER B 230 -7.58 -6.28 -0.72
C SER B 230 -9.08 -6.25 -0.51
N SER B 231 -9.84 -5.91 -1.55
CA SER B 231 -11.28 -5.68 -1.39
C SER B 231 -12.16 -6.93 -1.45
N ARG B 232 -11.57 -8.08 -1.82
CA ARG B 232 -12.33 -9.34 -1.71
C ARG B 232 -11.82 -10.31 -0.62
N HIS C 11 19.09 6.88 11.76
CA HIS C 11 19.05 7.26 13.22
C HIS C 11 19.70 8.61 13.48
N LEU C 12 19.16 9.33 14.46
CA LEU C 12 19.70 10.61 14.90
C LEU C 12 21.17 10.51 15.30
N SER C 13 21.52 9.43 16.00
CA SER C 13 22.88 9.20 16.47
C SER C 13 23.91 9.17 15.35
N ASP C 14 23.55 8.54 14.23
CA ASP C 14 24.38 8.51 13.03
C ASP C 14 24.65 9.91 12.49
N MET C 15 23.61 10.72 12.43
CA MET C 15 23.69 12.08 11.89
C MET C 15 24.61 12.97 12.71
N LEU C 16 24.49 12.88 14.04
CA LEU C 16 25.33 13.67 14.94
C LEU C 16 26.80 13.32 14.75
N GLN C 17 27.08 12.02 14.63
CA GLN C 17 28.43 11.53 14.32
C GLN C 17 28.90 11.97 12.94
N GLN C 18 27.98 11.97 11.97
CA GLN C 18 28.28 12.43 10.62
C GLN C 18 28.67 13.91 10.59
N LEU C 19 27.92 14.72 11.34
CA LEU C 19 28.16 16.17 11.43
C LEU C 19 29.39 16.53 12.25
N HIS C 20 29.55 15.88 13.41
CA HIS C 20 30.71 16.11 14.27
C HIS C 20 32.01 15.90 13.51
N SER C 21 32.07 14.83 12.72
CA SER C 21 33.23 14.49 11.91
C SER C 21 33.58 15.57 10.86
N VAL C 22 32.61 15.96 10.05
CA VAL C 22 32.83 16.99 9.02
C VAL C 22 33.17 18.35 9.64
N ASN C 23 32.52 18.68 10.76
CA ASN C 23 32.81 19.91 11.50
C ASN C 23 34.20 19.93 12.13
N ALA C 24 34.66 18.76 12.57
CA ALA C 24 35.99 18.61 13.16
C ALA C 24 37.10 18.77 12.12
N SER C 25 36.79 18.45 10.87
CA SER C 25 37.73 18.60 9.76
C SER C 25 37.90 20.06 9.33
N LYS C 26 37.05 20.94 9.88
CA LYS C 26 37.05 22.37 9.59
C LYS C 26 37.04 22.67 8.08
N PRO C 27 35.89 22.42 7.41
CA PRO C 27 35.80 22.47 5.95
C PRO C 27 36.06 23.85 5.33
N SER C 28 35.77 24.93 6.07
CA SER C 28 35.93 26.28 5.55
C SER C 28 37.33 26.88 5.77
N GLU C 29 38.09 26.29 6.70
CA GLU C 29 39.46 26.73 6.96
C GLU C 29 40.49 25.94 6.13
N ARG C 30 40.22 25.81 4.84
CA ARG C 30 41.11 25.12 3.92
C ARG C 30 41.68 26.12 2.91
N GLY C 31 42.52 25.63 2.01
CA GLY C 31 43.07 26.45 0.94
C GLY C 31 42.29 26.28 -0.34
N LEU C 32 42.72 25.34 -1.18
CA LEU C 32 42.00 25.00 -2.40
C LEU C 32 40.76 24.17 -2.06
N VAL C 33 39.60 24.81 -2.13
CA VAL C 33 38.32 24.16 -1.83
C VAL C 33 37.63 23.73 -3.13
N ARG C 34 37.36 22.44 -3.25
CA ARG C 34 36.58 21.89 -4.36
C ARG C 34 35.23 21.38 -3.85
N GLN C 35 34.35 22.31 -3.49
CA GLN C 35 33.03 21.96 -2.98
C GLN C 35 32.19 21.16 -3.98
N GLU C 36 32.33 21.49 -5.26
CA GLU C 36 31.62 20.80 -6.34
C GLU C 36 32.03 19.33 -6.48
N GLU C 37 33.21 19.00 -5.97
CA GLU C 37 33.73 17.64 -6.00
C GLU C 37 33.06 16.76 -4.94
N ALA C 38 32.37 17.41 -4.01
CA ALA C 38 31.64 16.71 -2.95
C ALA C 38 30.19 16.41 -3.33
N GLU C 39 29.81 16.76 -4.56
CA GLU C 39 28.44 16.62 -5.02
C GLU C 39 28.10 15.24 -5.55
N ASP C 40 27.04 14.64 -5.00
CA ASP C 40 26.49 13.38 -5.50
C ASP C 40 24.98 13.50 -5.69
N PRO C 41 24.54 13.62 -6.96
CA PRO C 41 23.11 13.80 -7.28
C PRO C 41 22.29 12.53 -7.04
N ALA C 42 22.97 11.39 -6.97
CA ALA C 42 22.30 10.12 -6.66
C ALA C 42 21.92 10.02 -5.17
N CYS C 43 22.11 11.12 -4.44
CA CYS C 43 21.75 11.20 -3.02
C CYS C 43 20.63 12.21 -2.77
N ILE C 44 20.08 12.78 -3.85
CA ILE C 44 18.95 13.72 -3.76
C ILE C 44 17.80 13.06 -2.97
N PRO C 45 17.22 13.79 -1.99
CA PRO C 45 16.14 13.23 -1.17
C PRO C 45 14.84 13.02 -1.94
N ILE C 46 14.01 12.10 -1.45
CA ILE C 46 12.69 11.86 -2.01
C ILE C 46 11.70 12.84 -1.39
N PHE C 47 11.90 13.16 -0.11
CA PHE C 47 10.99 14.05 0.60
C PHE C 47 11.70 15.15 1.36
N TRP C 48 11.05 16.29 1.39
CA TRP C 48 11.42 17.39 2.27
C TRP C 48 10.14 18.17 2.55
N VAL C 49 10.17 18.98 3.60
CA VAL C 49 9.05 19.86 3.90
C VAL C 49 9.10 21.07 2.97
N SER C 50 8.01 21.27 2.22
CA SER C 50 7.87 22.35 1.23
C SER C 50 7.30 23.61 1.86
N LYS C 51 6.34 23.44 2.75
CA LYS C 51 5.67 24.55 3.43
C LYS C 51 5.39 24.09 4.84
N TRP C 52 5.21 25.04 5.76
CA TRP C 52 4.77 24.72 7.13
C TRP C 52 3.98 25.86 7.73
N VAL C 53 3.10 25.54 8.67
CA VAL C 53 2.29 26.51 9.38
C VAL C 53 2.35 26.20 10.88
N ASP C 54 2.85 27.14 11.66
CA ASP C 54 2.93 26.96 13.10
C ASP C 54 1.75 27.61 13.81
N TYR C 55 0.79 26.76 14.18
CA TYR C 55 -0.38 27.18 14.95
C TYR C 55 -0.46 26.29 16.20
N SER C 56 0.70 26.08 16.82
CA SER C 56 0.87 25.09 17.89
C SER C 56 0.25 25.46 19.23
N ASP C 57 0.03 26.75 19.46
CA ASP C 57 -0.60 27.21 20.68
C ASP C 57 -2.10 26.91 20.67
N LYS C 58 -2.65 26.67 19.49
CA LYS C 58 -4.09 26.48 19.30
C LYS C 58 -4.49 25.11 18.75
N TYR C 59 -3.78 24.64 17.72
CA TYR C 59 -4.16 23.40 17.03
C TYR C 59 -3.00 22.43 16.77
N GLY C 60 -1.91 22.94 16.19
CA GLY C 60 -0.72 22.12 15.95
C GLY C 60 0.16 22.65 14.82
N LEU C 61 1.13 21.84 14.38
CA LEU C 61 1.93 22.19 13.23
C LEU C 61 1.46 21.48 11.96
N GLY C 62 1.05 22.27 10.98
CA GLY C 62 0.69 21.78 9.66
C GLY C 62 1.84 22.00 8.69
N TYR C 63 1.96 21.13 7.71
CA TYR C 63 3.07 21.20 6.76
C TYR C 63 2.66 20.60 5.42
N GLN C 64 3.44 20.88 4.39
CA GLN C 64 3.30 20.23 3.10
C GLN C 64 4.61 19.53 2.79
N LEU C 65 4.52 18.31 2.26
CA LEU C 65 5.69 17.63 1.71
C LEU C 65 5.83 17.96 0.22
N CYS C 66 7.03 17.75 -0.32
CA CYS C 66 7.37 18.15 -1.68
C CYS C 66 6.55 17.47 -2.77
N ASP C 67 5.95 16.33 -2.41
CA ASP C 67 5.10 15.58 -3.32
C ASP C 67 3.65 16.08 -3.28
N ASN C 68 3.44 17.25 -2.67
CA ASN C 68 2.10 17.89 -2.59
C ASN C 68 1.14 17.23 -1.59
N SER C 69 1.65 16.30 -0.78
CA SER C 69 0.88 15.76 0.33
C SER C 69 0.99 16.71 1.51
N VAL C 70 -0.06 16.74 2.34
CA VAL C 70 -0.07 17.59 3.53
C VAL C 70 -0.22 16.77 4.79
N GLY C 71 0.21 17.34 5.92
CA GLY C 71 0.15 16.65 7.19
C GLY C 71 -0.01 17.64 8.31
N VAL C 72 -0.34 17.12 9.49
CA VAL C 72 -0.47 17.94 10.68
C VAL C 72 -0.15 17.14 11.94
N LEU C 73 0.74 17.71 12.75
CA LEU C 73 1.07 17.18 14.06
C LEU C 73 0.29 17.99 15.11
N PHE C 74 -0.82 17.42 15.57
CA PHE C 74 -1.69 18.08 16.53
C PHE C 74 -1.06 18.21 17.93
N ASN C 75 -1.70 19.04 18.77
CA ASN C 75 -1.29 19.23 20.16
C ASN C 75 -1.35 17.94 20.98
N ASP C 76 -2.31 17.08 20.66
CA ASP C 76 -2.50 15.81 21.36
C ASP C 76 -1.58 14.70 20.84
N SER C 77 -0.48 15.08 20.18
CA SER C 77 0.51 14.15 19.64
C SER C 77 -0.02 13.13 18.63
N THR C 78 -1.19 13.41 18.06
CA THR C 78 -1.72 12.58 16.98
C THR C 78 -1.43 13.23 15.62
N ARG C 79 -1.52 12.45 14.56
CA ARG C 79 -1.11 12.91 13.24
C ARG C 79 -2.09 12.55 12.15
N LEU C 80 -2.41 13.52 11.31
CA LEU C 80 -3.24 13.29 10.13
C LEU C 80 -2.48 13.72 8.87
N ILE C 81 -2.54 12.86 7.86
CA ILE C 81 -1.82 13.04 6.61
C ILE C 81 -2.77 12.83 5.42
N LEU C 82 -2.81 13.80 4.52
CA LEU C 82 -3.58 13.66 3.28
C LEU C 82 -2.65 13.49 2.09
N TYR C 83 -2.74 12.34 1.43
CA TYR C 83 -1.95 12.03 0.23
C TYR C 83 -2.32 12.95 -0.91
N ASN C 84 -1.41 13.14 -1.88
CA ASN C 84 -1.61 14.13 -2.94
C ASN C 84 -2.81 13.90 -3.87
N ASP C 85 -3.37 12.69 -3.86
CA ASP C 85 -4.59 12.40 -4.62
C ASP C 85 -5.77 13.25 -4.14
N GLY C 86 -5.66 13.78 -2.93
CA GLY C 86 -6.66 14.67 -2.35
C GLY C 86 -7.72 13.96 -1.53
N ASP C 87 -7.61 12.64 -1.43
CA ASP C 87 -8.63 11.83 -0.75
C ASP C 87 -8.09 10.85 0.28
N SER C 88 -7.01 10.15 -0.05
CA SER C 88 -6.43 9.14 0.85
C SER C 88 -5.89 9.76 2.13
N LEU C 89 -6.29 9.19 3.26
CA LEU C 89 -5.83 9.64 4.57
C LEU C 89 -5.01 8.58 5.27
N GLN C 90 -4.15 9.04 6.17
CA GLN C 90 -3.40 8.17 7.04
C GLN C 90 -3.40 8.85 8.40
N TYR C 91 -4.24 8.35 9.30
CA TYR C 91 -4.27 8.84 10.67
C TYR C 91 -3.37 7.98 11.53
N ILE C 92 -2.50 8.62 12.31
CA ILE C 92 -1.56 7.92 13.17
C ILE C 92 -1.76 8.38 14.62
N GLU C 93 -2.30 7.49 15.44
CA GLU C 93 -2.62 7.79 16.84
C GLU C 93 -1.37 7.89 17.71
N ARG C 94 -1.54 8.17 19.00
CA ARG C 94 -0.43 8.29 19.93
C ARG C 94 0.41 7.02 20.01
N ASP C 95 -0.27 5.87 20.00
CA ASP C 95 0.37 4.57 20.14
C ASP C 95 0.79 3.96 18.81
N GLY C 96 0.85 4.79 17.77
CA GLY C 96 1.38 4.38 16.46
C GLY C 96 0.41 3.71 15.51
N THR C 97 -0.67 3.14 16.06
CA THR C 97 -1.66 2.45 15.24
C THR C 97 -2.19 3.36 14.12
N GLU C 98 -1.84 3.02 12.88
CA GLU C 98 -2.23 3.83 11.73
C GLU C 98 -3.21 3.12 10.81
N SER C 99 -4.10 3.90 10.21
CA SER C 99 -5.15 3.39 9.33
C SER C 99 -5.29 4.24 8.08
N TYR C 100 -5.58 3.60 6.95
CA TYR C 100 -5.67 4.27 5.67
C TYR C 100 -7.11 4.40 5.19
N LEU C 101 -7.73 5.53 5.51
CA LEU C 101 -9.11 5.82 5.10
C LEU C 101 -9.13 6.81 3.95
N THR C 102 -10.29 6.99 3.33
CA THR C 102 -10.46 8.06 2.33
C THR C 102 -11.25 9.21 2.95
N VAL C 103 -11.23 10.37 2.30
CA VAL C 103 -11.97 11.53 2.82
C VAL C 103 -13.43 11.50 2.36
N SER C 104 -13.67 10.88 1.20
CA SER C 104 -15.01 10.69 0.66
C SER C 104 -15.78 9.62 1.44
N SER C 105 -15.04 8.86 2.26
CA SER C 105 -15.62 7.87 3.15
C SER C 105 -16.40 8.51 4.30
N HIS C 106 -16.03 9.76 4.61
CA HIS C 106 -16.57 10.51 5.75
C HIS C 106 -16.55 9.71 7.06
N PRO C 107 -15.34 9.43 7.58
CA PRO C 107 -15.20 8.67 8.83
C PRO C 107 -15.57 9.53 10.03
N ASN C 108 -16.78 9.33 10.54
CA ASN C 108 -17.39 10.18 11.57
C ASN C 108 -16.49 10.61 12.73
N SER C 109 -15.63 9.70 13.17
CA SER C 109 -14.70 9.96 14.28
C SER C 109 -13.70 11.06 13.96
N LEU C 110 -13.22 11.09 12.72
CA LEU C 110 -12.15 12.00 12.30
C LEU C 110 -12.64 13.28 11.62
N MET C 111 -13.95 13.50 11.65
CA MET C 111 -14.56 14.69 11.03
C MET C 111 -13.92 16.00 11.47
N LYS C 112 -13.64 16.12 12.76
CA LYS C 112 -13.08 17.34 13.34
C LYS C 112 -11.66 17.65 12.83
N LYS C 113 -10.78 16.66 12.90
CA LYS C 113 -9.36 16.82 12.54
C LYS C 113 -9.13 16.93 11.03
N ILE C 114 -10.04 16.36 10.24
CA ILE C 114 -10.01 16.46 8.78
C ILE C 114 -10.29 17.88 8.31
N THR C 115 -11.19 18.57 9.03
CA THR C 115 -11.56 19.94 8.71
C THR C 115 -10.41 20.92 9.03
N LEU C 116 -9.74 20.70 10.16
CA LEU C 116 -8.55 21.48 10.51
C LEU C 116 -7.40 21.25 9.53
N LEU C 117 -7.30 20.03 9.02
CA LEU C 117 -6.34 19.67 7.96
C LEU C 117 -6.67 20.42 6.68
N LYS C 118 -7.97 20.53 6.37
CA LYS C 118 -8.44 21.30 5.23
C LYS C 118 -8.10 22.78 5.37
N TYR C 119 -8.20 23.29 6.61
CA TYR C 119 -7.86 24.68 6.90
C TYR C 119 -6.37 24.95 6.75
N PHE C 120 -5.55 24.02 7.23
CA PHE C 120 -4.10 24.13 7.06
C PHE C 120 -3.68 24.13 5.60
N ARG C 121 -4.24 23.22 4.80
CA ARG C 121 -3.80 23.08 3.42
C ARG C 121 -4.31 24.18 2.50
N ASN C 122 -5.51 24.69 2.77
CA ASN C 122 -6.03 25.88 2.08
C ASN C 122 -5.19 27.12 2.34
N TYR C 123 -4.74 27.30 3.58
CA TYR C 123 -3.86 28.40 3.93
C TYR C 123 -2.54 28.33 3.18
N MET C 124 -1.93 27.15 3.15
CA MET C 124 -0.67 26.92 2.40
C MET C 124 -0.88 27.08 0.89
N SER C 125 -2.06 26.67 0.42
CA SER C 125 -2.39 26.70 -1.00
C SER C 125 -2.55 28.13 -1.53
N GLU C 126 -3.14 29.00 -0.74
CA GLU C 126 -3.39 30.37 -1.19
C GLU C 126 -2.36 31.42 -0.73
N HIS C 127 -1.46 31.05 0.18
CA HIS C 127 -0.53 32.03 0.75
C HIS C 127 0.96 31.73 0.57
N LEU C 128 1.36 30.48 0.78
CA LEU C 128 2.78 30.14 0.92
C LEU C 128 3.43 29.54 -0.32
N LEU C 129 4.73 29.84 -0.48
CA LEU C 129 5.58 29.34 -1.57
C LEU C 129 6.12 27.94 -1.32
N LYS C 130 6.11 27.11 -2.36
CA LYS C 130 6.69 25.76 -2.36
C LYS C 130 8.21 25.79 -2.35
N ALA C 131 8.80 25.41 -1.22
CA ALA C 131 10.25 25.28 -1.14
C ALA C 131 10.75 24.14 -2.02
N GLY C 132 11.89 24.36 -2.68
CA GLY C 132 12.48 23.35 -3.56
C GLY C 132 11.64 22.96 -4.78
N ALA C 133 10.76 23.86 -5.21
CA ALA C 133 9.83 23.59 -6.32
C ALA C 133 10.56 23.35 -7.65
N ASN C 134 11.75 23.92 -7.77
CA ASN C 134 12.61 23.74 -8.93
C ASN C 134 13.39 22.41 -8.97
N ILE C 135 13.15 21.54 -7.99
CA ILE C 135 13.84 20.25 -7.90
C ILE C 135 12.88 19.12 -8.24
N THR C 136 13.34 18.19 -9.07
CA THR C 136 12.63 16.92 -9.29
C THR C 136 13.21 15.89 -8.33
N PRO C 137 12.44 15.50 -7.29
CA PRO C 137 12.97 14.59 -6.26
C PRO C 137 13.23 13.20 -6.82
N ARG C 138 14.07 12.43 -6.13
CA ARG C 138 14.41 11.07 -6.55
C ARG C 138 13.16 10.19 -6.55
N GLU C 139 13.06 9.31 -7.54
CA GLU C 139 11.92 8.41 -7.67
C GLU C 139 12.11 7.17 -6.81
N GLU C 142 8.83 2.78 -4.23
CA GLU C 142 7.69 2.33 -5.01
C GLU C 142 6.47 2.09 -4.12
N LEU C 143 6.61 1.16 -3.16
CA LEU C 143 5.57 0.86 -2.18
C LEU C 143 5.91 1.46 -0.81
N ALA C 144 6.82 2.43 -0.81
CA ALA C 144 7.30 3.07 0.40
C ALA C 144 6.26 4.01 1.02
N ARG C 145 6.17 3.96 2.35
CA ARG C 145 5.24 4.80 3.12
C ARG C 145 5.65 6.27 3.11
N LEU C 146 4.65 7.15 3.16
CA LEU C 146 4.88 8.57 3.34
C LEU C 146 5.47 8.85 4.72
N PRO C 147 6.54 9.65 4.79
CA PRO C 147 7.06 10.04 6.10
C PRO C 147 6.16 11.09 6.76
N TYR C 148 6.14 11.08 8.08
CA TYR C 148 5.37 12.04 8.86
C TYR C 148 6.31 12.83 9.75
N LEU C 149 5.86 13.99 10.21
CA LEU C 149 6.64 14.80 11.11
C LEU C 149 6.67 14.13 12.49
N ARG C 150 7.87 13.69 12.87
CA ARG C 150 8.10 13.07 14.17
C ARG C 150 8.03 14.12 15.27
N THR C 151 8.82 15.19 15.09
CA THR C 151 8.90 16.29 16.05
C THR C 151 9.56 17.53 15.42
N TRP C 152 9.41 18.66 16.11
CA TRP C 152 9.94 19.93 15.61
C TRP C 152 10.14 20.91 16.78
N PHE C 153 10.95 21.93 16.55
CA PHE C 153 11.08 23.08 17.46
C PHE C 153 11.61 24.33 16.73
N ARG C 154 11.34 25.48 17.31
CA ARG C 154 11.79 26.77 16.80
C ARG C 154 12.90 27.38 17.65
N THR C 155 13.85 28.02 16.99
CA THR C 155 14.72 29.01 17.60
C THR C 155 14.40 30.33 16.90
N ARG C 156 15.16 31.39 17.23
CA ARG C 156 15.00 32.69 16.57
C ARG C 156 15.62 32.69 15.17
N SER C 157 16.56 31.78 14.93
CA SER C 157 17.27 31.68 13.67
C SER C 157 16.66 30.68 12.69
N ALA C 158 16.05 29.61 13.22
CA ALA C 158 15.62 28.48 12.39
C ALA C 158 14.45 27.67 12.96
N ILE C 159 13.78 26.94 12.07
CA ILE C 159 12.81 25.91 12.42
C ILE C 159 13.44 24.55 12.10
N ILE C 160 13.34 23.62 13.05
CA ILE C 160 13.95 22.30 12.91
C ILE C 160 12.84 21.26 12.76
N LEU C 161 12.90 20.51 11.66
CA LEU C 161 11.86 19.53 11.34
C LEU C 161 12.45 18.14 11.23
N HIS C 162 11.95 17.22 12.05
CA HIS C 162 12.47 15.86 12.12
C HIS C 162 11.40 14.92 11.58
N LEU C 163 11.73 14.21 10.50
CA LEU C 163 10.78 13.29 9.85
C LEU C 163 10.98 11.82 10.26
N SER C 164 9.92 11.04 10.11
CA SER C 164 9.90 9.64 10.55
C SER C 164 10.84 8.75 9.75
N ASN C 165 11.23 9.19 8.56
CA ASN C 165 12.17 8.43 7.74
C ASN C 165 13.63 8.64 8.16
N GLY C 166 13.82 9.47 9.19
CA GLY C 166 15.16 9.75 9.72
C GLY C 166 15.74 11.08 9.32
N SER C 167 15.13 11.74 8.34
CA SER C 167 15.63 13.03 7.85
C SER C 167 15.44 14.15 8.87
N VAL C 168 16.36 15.10 8.86
CA VAL C 168 16.25 16.31 9.67
C VAL C 168 16.42 17.50 8.73
N GLN C 169 15.43 18.39 8.74
CA GLN C 169 15.43 19.57 7.90
C GLN C 169 15.55 20.80 8.76
N ILE C 170 16.29 21.79 8.27
CA ILE C 170 16.48 23.05 9.00
C ILE C 170 16.25 24.21 8.05
N ASN C 171 15.24 25.03 8.36
CA ASN C 171 14.96 26.24 7.59
C ASN C 171 15.38 27.51 8.32
N PHE C 172 16.33 28.24 7.75
CA PHE C 172 16.82 29.51 8.33
C PHE C 172 15.96 30.70 7.91
N PHE C 173 15.48 31.47 8.88
CA PHE C 173 14.52 32.56 8.62
C PHE C 173 15.10 33.79 7.95
N GLN C 174 16.32 34.17 8.32
CA GLN C 174 16.92 35.44 7.89
C GLN C 174 17.17 35.54 6.39
N ASP C 175 17.61 34.46 5.77
CA ASP C 175 18.00 34.49 4.36
C ASP C 175 17.38 33.36 3.52
N HIS C 176 16.40 32.67 4.10
CA HIS C 176 15.65 31.59 3.44
C HIS C 176 16.49 30.38 2.99
N THR C 177 17.70 30.24 3.54
CA THR C 177 18.54 29.07 3.27
C THR C 177 18.00 27.83 3.98
N LYS C 178 18.25 26.65 3.42
CA LYS C 178 17.77 25.39 4.00
C LYS C 178 18.76 24.25 3.86
N LEU C 179 18.76 23.37 4.86
CA LEU C 179 19.49 22.11 4.83
C LEU C 179 18.54 20.94 4.99
N ILE C 180 18.72 19.92 4.17
CA ILE C 180 18.03 18.64 4.33
C ILE C 180 19.10 17.57 4.61
N LEU C 181 19.10 17.07 5.83
CA LEU C 181 20.11 16.09 6.25
C LEU C 181 19.54 14.68 6.24
N CYS C 182 20.22 13.77 5.55
CA CYS C 182 19.81 12.37 5.52
C CYS C 182 20.88 11.40 6.06
N PRO C 183 20.59 10.76 7.20
CA PRO C 183 21.60 9.92 7.84
C PRO C 183 21.83 8.58 7.14
N LEU C 184 20.84 8.14 6.35
CA LEU C 184 20.93 6.86 5.64
C LEU C 184 21.94 6.93 4.50
N MET C 185 22.01 8.10 3.86
CA MET C 185 22.90 8.33 2.73
C MET C 185 24.19 9.02 3.19
N ALA C 186 24.19 9.48 4.44
CA ALA C 186 25.22 10.39 4.96
C ALA C 186 25.39 11.60 4.04
N ALA C 187 24.24 12.18 3.67
CA ALA C 187 24.19 13.28 2.71
C ALA C 187 23.51 14.51 3.29
N VAL C 188 23.88 15.67 2.74
CA VAL C 188 23.19 16.92 3.03
C VAL C 188 22.81 17.60 1.72
N THR C 189 21.57 18.07 1.66
CA THR C 189 21.15 18.90 0.55
C THR C 189 21.11 20.35 1.05
N TYR C 190 21.83 21.21 0.34
CA TYR C 190 21.86 22.64 0.66
C TYR C 190 21.13 23.49 -0.38
N ILE C 191 20.11 24.22 0.07
CA ILE C 191 19.43 25.21 -0.76
C ILE C 191 19.89 26.59 -0.31
N ASP C 192 20.47 27.36 -1.24
CA ASP C 192 21.00 28.68 -0.91
C ASP C 192 19.96 29.79 -1.12
N GLU C 193 20.39 31.04 -0.95
CA GLU C 193 19.48 32.18 -1.11
C GLU C 193 19.08 32.41 -2.58
N LYS C 194 19.93 31.96 -3.50
CA LYS C 194 19.61 31.99 -4.94
C LYS C 194 18.71 30.81 -5.35
N ARG C 195 18.42 29.94 -4.40
CA ARG C 195 17.54 28.76 -4.56
C ARG C 195 18.14 27.61 -5.37
N ASP C 196 19.47 27.66 -5.59
CA ASP C 196 20.19 26.52 -6.14
C ASP C 196 20.23 25.36 -5.15
N PHE C 197 20.09 24.16 -5.72
CA PHE C 197 19.98 22.91 -4.97
CA PHE C 197 20.03 22.94 -4.92
C PHE C 197 21.24 22.07 -5.22
N ARG C 198 21.94 21.70 -4.15
CA ARG C 198 23.17 20.94 -4.23
C ARG C 198 23.18 19.84 -3.17
N THR C 199 23.47 18.62 -3.58
CA THR C 199 23.50 17.49 -2.65
C THR C 199 24.92 16.93 -2.48
N TYR C 200 25.43 17.01 -1.26
CA TYR C 200 26.80 16.60 -0.96
C TYR C 200 26.82 15.40 -0.04
N ARG C 201 27.77 14.50 -0.27
CA ARG C 201 28.10 13.49 0.72
C ARG C 201 28.99 14.11 1.78
N LEU C 202 28.54 14.04 3.04
CA LEU C 202 29.22 14.65 4.18
C LEU C 202 30.67 14.16 4.34
N SER C 203 30.89 12.92 3.91
CA SER C 203 32.22 12.32 3.82
C SER C 203 33.09 13.09 2.83
N LEU C 204 32.51 13.45 1.68
CA LEU C 204 33.25 14.15 0.62
C LEU C 204 33.45 15.64 0.93
N LEU C 205 32.67 16.17 1.87
CA LEU C 205 32.85 17.55 2.34
C LEU C 205 34.09 17.71 3.21
N GLU C 206 34.39 16.72 4.06
CA GLU C 206 35.63 16.76 4.85
C GLU C 206 36.86 16.49 3.99
N GLU C 207 36.70 15.77 2.89
CA GLU C 207 37.78 15.53 1.95
C GLU C 207 38.13 16.79 1.14
N TYR C 208 37.10 17.44 0.59
CA TYR C 208 37.30 18.54 -0.34
C TYR C 208 37.06 19.93 0.26
N GLY C 209 36.27 19.99 1.34
CA GLY C 209 35.97 21.26 2.00
C GLY C 209 34.79 21.97 1.35
N CYS C 210 34.36 23.07 1.97
CA CYS C 210 33.24 23.86 1.46
C CYS C 210 33.36 25.34 1.84
N CYS C 211 32.45 26.17 1.33
CA CYS C 211 32.43 27.60 1.61
C CYS C 211 32.08 27.91 3.06
N LYS C 212 32.34 29.15 3.46
CA LYS C 212 32.09 29.62 4.83
C LYS C 212 30.60 29.60 5.20
N GLU C 213 29.74 29.75 4.19
CA GLU C 213 28.28 29.74 4.39
C GLU C 213 27.75 28.36 4.76
N LEU C 214 28.16 27.32 4.03
CA LEU C 214 27.73 25.95 4.31
C LEU C 214 28.29 25.43 5.64
N ALA C 215 29.55 25.76 5.92
CA ALA C 215 30.23 25.33 7.15
C ALA C 215 29.51 25.79 8.41
N SER C 216 29.13 27.06 8.45
CA SER C 216 28.39 27.62 9.58
C SER C 216 26.98 27.04 9.72
N ARG C 217 26.35 26.73 8.59
CA ARG C 217 25.05 26.04 8.57
C ARG C 217 25.21 24.66 9.20
N LEU C 218 26.28 23.95 8.83
CA LEU C 218 26.55 22.61 9.36
C LEU C 218 26.94 22.64 10.85
N ARG C 219 27.62 23.70 11.27
CA ARG C 219 27.96 23.92 12.68
C ARG C 219 26.71 24.19 13.52
N TYR C 220 25.72 24.84 12.92
CA TYR C 220 24.45 25.09 13.57
C TYR C 220 23.58 23.84 13.49
N ALA C 221 23.77 23.05 12.43
CA ALA C 221 23.02 21.81 12.24
C ALA C 221 23.35 20.85 13.37
N ARG C 222 24.65 20.69 13.63
CA ARG C 222 25.14 19.85 14.73
C ARG C 222 24.52 20.23 16.07
N THR C 223 24.55 21.52 16.38
CA THR C 223 23.94 22.06 17.60
C THR C 223 22.45 21.67 17.71
N MET C 224 21.76 21.66 16.57
CA MET C 224 20.33 21.33 16.50
C MET C 224 20.04 19.84 16.65
N VAL C 225 20.92 19.00 16.11
CA VAL C 225 20.80 17.56 16.24
C VAL C 225 21.04 17.15 17.70
N ASP C 226 22.07 17.72 18.32
CA ASP C 226 22.29 17.57 19.75
C ASP C 226 21.00 17.84 20.51
N LYS C 227 20.36 18.96 20.20
CA LYS C 227 19.12 19.38 20.85
C LYS C 227 17.96 18.38 20.67
N LEU C 228 17.83 17.82 19.46
CA LEU C 228 16.83 16.79 19.19
C LEU C 228 17.11 15.52 20.00
N LEU C 229 18.38 15.11 20.00
CA LEU C 229 18.82 13.91 20.73
C LEU C 229 18.66 14.05 22.25
N SER C 230 18.84 15.26 22.78
CA SER C 230 18.82 15.51 24.22
C SER C 230 17.41 15.58 24.78
N SER C 231 16.45 15.92 23.92
CA SER C 231 15.08 16.17 24.37
C SER C 231 14.10 15.14 23.82
N ARG C 232 14.63 13.98 23.40
CA ARG C 232 13.82 12.85 22.96
C ARG C 232 13.81 11.72 24.00
C ACE D 1 -22.12 -4.02 15.35
O ACE D 1 -21.72 -4.36 16.46
CH3 ACE D 1 -23.12 -2.92 15.17
N PHE D 2 -21.61 -4.51 14.21
CA PHE D 2 -20.33 -5.22 14.19
C PHE D 2 -19.16 -4.24 14.19
N ASP D 3 -18.76 -3.81 15.39
CA ASP D 3 -17.67 -2.84 15.52
C ASP D 3 -16.58 -3.42 16.42
N PRO D 4 -15.64 -4.17 15.83
CA PRO D 4 -14.55 -4.77 16.61
C PRO D 4 -13.54 -3.73 17.15
N PRO D 5 -13.14 -3.88 18.42
CA PRO D 5 -12.22 -2.92 19.05
C PRO D 5 -10.84 -2.91 18.39
N LEU D 6 -10.35 -4.09 17.99
CA LEU D 6 -9.01 -4.20 17.42
C LEU D 6 -8.98 -5.07 16.18
N HIS D 7 -8.02 -4.77 15.30
CA HIS D 7 -7.92 -5.39 13.98
C HIS D 7 -6.58 -5.05 13.33
N SER D 8 -6.25 -5.80 12.28
CA SER D 8 -5.06 -5.52 11.49
C SER D 8 -5.21 -4.19 10.74
N TPO D 9 -4.19 -3.86 9.95
CA TPO D 9 -4.08 -2.54 9.33
CB TPO D 9 -2.75 -2.45 8.58
CG2 TPO D 9 -2.58 -1.12 7.83
OG1 TPO D 9 -1.70 -2.57 9.53
P TPO D 9 -0.68 -3.82 9.48
O1P TPO D 9 0.09 -3.63 8.21
O2P TPO D 9 -1.58 -5.04 9.50
O3P TPO D 9 0.14 -3.64 10.75
C TPO D 9 -5.25 -2.26 8.43
O TPO D 9 -5.38 -2.85 7.35
N ALA D 10 -6.12 -1.37 8.89
CA ALA D 10 -7.25 -0.88 8.10
C ALA D 10 -6.75 0.02 6.98
C ACE E 1 -35.47 9.39 -13.47
O ACE E 1 -34.91 9.16 -12.39
CH3 ACE E 1 -36.67 10.29 -13.58
N PHE E 2 -35.18 8.69 -14.56
CA PHE E 2 -33.88 8.06 -14.77
C PHE E 2 -32.89 9.14 -15.17
N ASP E 3 -32.20 9.70 -14.16
CA ASP E 3 -31.29 10.82 -14.36
C ASP E 3 -29.99 10.60 -13.60
N PRO E 4 -29.10 9.75 -14.14
CA PRO E 4 -27.87 9.40 -13.43
C PRO E 4 -26.98 10.61 -13.27
N PRO E 5 -26.26 10.71 -12.13
CA PRO E 5 -25.43 11.89 -11.89
C PRO E 5 -24.10 11.84 -12.64
N LEU E 6 -23.50 10.64 -12.74
CA LEU E 6 -22.17 10.51 -13.34
C LEU E 6 -22.18 9.56 -14.51
N HIS E 7 -21.27 9.80 -15.46
CA HIS E 7 -21.16 9.00 -16.68
C HIS E 7 -19.84 9.22 -17.39
N SER E 8 -19.53 8.35 -18.34
CA SER E 8 -18.37 8.52 -19.22
C SER E 8 -18.59 9.68 -20.22
N TPO E 9 -17.61 9.89 -21.09
CA TPO E 9 -17.63 10.96 -22.09
CB TPO E 9 -16.33 10.79 -22.89
CG2 TPO E 9 -16.17 11.92 -23.91
OG1 TPO E 9 -15.23 10.83 -21.96
P TPO E 9 -14.22 9.59 -21.67
O1P TPO E 9 -13.48 9.21 -22.94
O2P TPO E 9 -15.23 8.58 -21.13
O3P TPO E 9 -13.21 10.13 -20.67
C TPO E 9 -18.87 10.98 -22.96
O TPO E 9 -19.24 9.96 -23.58
N ALA E 10 -19.53 12.15 -23.01
CA ALA E 10 -20.81 12.33 -23.71
C ALA E 10 -20.69 13.17 -25.00
N NH2 E 11 -21.55 12.63 -25.88
C ACE F 1 -10.29 31.80 11.08
O ACE F 1 -10.40 31.06 12.07
CH3 ACE F 1 -11.36 32.79 10.73
N PHE F 2 -9.35 31.62 10.15
CA PHE F 2 -8.18 30.77 10.35
C PHE F 2 -6.92 31.59 10.08
N ASP F 3 -6.36 32.17 11.14
CA ASP F 3 -5.16 33.00 11.01
C ASP F 3 -4.06 32.60 12.01
N PRO F 4 -3.07 31.82 11.52
CA PRO F 4 -1.92 31.36 12.31
C PRO F 4 -0.81 32.41 12.41
N PRO F 5 -0.13 32.49 13.58
CA PRO F 5 0.89 33.52 13.82
C PRO F 5 2.18 33.35 13.02
N LEU F 6 2.65 32.10 12.89
CA LEU F 6 3.89 31.83 12.19
C LEU F 6 3.73 30.81 11.07
N HIS F 7 4.47 31.02 9.99
CA HIS F 7 4.42 30.14 8.84
C HIS F 7 5.67 30.32 8.02
N SER F 8 5.86 29.44 7.04
CA SER F 8 6.96 29.58 6.11
C SER F 8 6.78 30.76 5.13
N TPO F 9 7.73 30.92 4.22
CA TPO F 9 7.78 32.04 3.30
CB TPO F 9 9.05 31.90 2.46
CG2 TPO F 9 9.31 33.10 1.56
OG1 TPO F 9 10.18 31.73 3.33
P TPO F 9 10.95 30.32 3.47
O1P TPO F 9 11.40 29.90 2.08
O2P TPO F 9 9.87 29.49 4.11
O3P TPO F 9 12.14 30.62 4.38
C TPO F 9 6.56 32.08 2.42
O TPO F 9 6.19 31.07 1.80
N ALA F 10 5.91 33.25 2.35
CA ALA F 10 4.70 33.44 1.54
C ALA F 10 5.06 33.86 0.12
C1 GOL G . -21.89 -29.56 17.28
O1 GOL G . -23.01 -28.84 17.74
C2 GOL G . -22.25 -30.33 16.01
O2 GOL G . -21.48 -31.52 15.91
C3 GOL G . -22.06 -29.44 14.79
O3 GOL G . -22.23 -30.20 13.62
C1 GOL H . -6.37 -16.93 23.35
O1 GOL H . -7.68 -17.47 23.25
C2 GOL H . -6.32 -15.80 24.37
O2 GOL H . -5.06 -15.17 24.31
C3 GOL H . -7.43 -14.77 24.11
O3 GOL H . -7.16 -13.59 24.85
C1 GOL I . 2.39 -14.26 -15.81
O1 GOL I . 1.39 -14.68 -14.89
C2 GOL I . 2.12 -14.86 -17.19
O2 GOL I . 0.80 -14.58 -17.60
C3 GOL I . 3.10 -14.28 -18.22
O3 GOL I . 2.69 -14.61 -19.54
C1 GOL J . -11.76 24.92 24.52
O1 GOL J . -12.87 24.58 23.69
C2 GOL J . -11.74 26.42 24.79
O2 GOL J . -13.06 26.91 24.72
C3 GOL J . -11.13 26.82 26.14
O3 GOL J . -10.12 25.93 26.58
#